data_9G8E
#
_entry.id   9G8E
#
_entity_poly.entity_id   1
_entity_poly.type   'polypeptide(L)'
_entity_poly.pdbx_seq_one_letter_code
;YINPLDGTYPPGTEQNPANPNPSLEESHPLNTFMFQNNRFRNRQGALTVYTGTVTQGTDPVKTYYQYTPVSSKAMYDAYW
NGKFRDCAFHSGFNEDLFVCEYQGHHHHHH
;
_entity_poly.pdbx_strand_id   A
#
# COMPACT_ATOMS: atom_id res chain seq x y z
N TYR A 1 3.42 -5.23 -26.10
CA TYR A 1 2.80 -4.88 -24.80
C TYR A 1 3.77 -5.15 -23.66
N ILE A 2 3.80 -4.22 -22.71
CA ILE A 2 4.61 -4.37 -21.52
C ILE A 2 3.70 -4.30 -20.30
N ASN A 3 3.77 -5.32 -19.47
CA ASN A 3 2.97 -5.35 -18.26
C ASN A 3 3.77 -4.77 -17.08
N PRO A 4 3.40 -3.56 -16.63
CA PRO A 4 4.12 -2.85 -15.56
C PRO A 4 3.79 -3.40 -14.18
N LEU A 5 2.88 -4.34 -14.16
CA LEU A 5 2.43 -4.98 -12.94
C LEU A 5 3.19 -6.29 -12.70
N ASP A 6 4.21 -6.56 -13.51
CA ASP A 6 4.85 -7.87 -13.55
C ASP A 6 5.67 -8.21 -12.31
N GLY A 7 5.78 -7.29 -11.36
CA GLY A 7 6.48 -7.60 -10.12
C GLY A 7 7.98 -7.75 -10.34
N THR A 8 8.53 -6.97 -11.26
CA THR A 8 9.91 -7.14 -11.69
C THR A 8 10.92 -6.53 -10.71
N TYR A 9 10.45 -5.90 -9.64
CA TYR A 9 11.34 -5.36 -8.63
C TYR A 9 11.11 -6.03 -7.27
N PRO A 10 11.82 -7.14 -6.99
CA PRO A 10 11.73 -7.82 -5.70
C PRO A 10 12.34 -6.98 -4.58
N PRO A 11 11.56 -6.70 -3.54
CA PRO A 11 12.01 -5.88 -2.40
C PRO A 11 13.19 -6.51 -1.65
N GLY A 12 13.88 -5.70 -0.86
CA GLY A 12 15.05 -6.17 -0.14
C GLY A 12 16.27 -6.28 -1.02
N THR A 13 16.29 -5.48 -2.08
CA THR A 13 17.39 -5.51 -3.04
C THR A 13 17.92 -4.11 -3.29
N GLU A 14 18.98 -4.02 -4.09
CA GLU A 14 19.50 -2.73 -4.50
C GLU A 14 18.58 -2.08 -5.54
N GLN A 15 17.94 -2.91 -6.36
CA GLN A 15 17.00 -2.41 -7.36
C GLN A 15 15.73 -1.90 -6.69
N ASN A 16 15.25 -2.64 -5.70
CA ASN A 16 14.12 -2.22 -4.90
C ASN A 16 14.52 -2.16 -3.43
N PRO A 17 14.87 -0.96 -2.94
CA PRO A 17 15.38 -0.76 -1.58
C PRO A 17 14.30 -0.89 -0.52
N ALA A 18 13.07 -1.02 -0.96
CA ALA A 18 11.94 -1.14 -0.05
C ALA A 18 12.05 -2.42 0.77
N ASN A 19 11.75 -2.29 2.05
CA ASN A 19 11.80 -3.42 2.98
C ASN A 19 10.92 -4.57 2.49
N PRO A 20 11.55 -5.74 2.28
CA PRO A 20 10.87 -6.90 1.71
C PRO A 20 9.95 -7.59 2.70
N ASN A 21 10.11 -7.27 3.97
CA ASN A 21 9.29 -7.85 5.01
C ASN A 21 7.89 -7.26 4.95
N PRO A 22 6.87 -8.10 4.77
CA PRO A 22 5.48 -7.67 4.86
C PRO A 22 5.20 -7.16 6.26
N SER A 23 4.45 -6.10 6.37
CA SER A 23 4.26 -5.48 7.66
C SER A 23 2.88 -5.75 8.20
N LEU A 24 2.80 -5.89 9.50
CA LEU A 24 1.54 -6.20 10.17
C LEU A 24 1.11 -5.07 11.08
N GLU A 25 -0.11 -4.62 10.87
CA GLU A 25 -0.71 -3.61 11.73
C GLU A 25 -1.97 -4.18 12.37
N GLU A 26 -2.00 -4.15 13.69
CA GLU A 26 -3.14 -4.65 14.47
C GLU A 26 -4.38 -3.82 14.19
N SER A 27 -4.16 -2.55 13.92
CA SER A 27 -5.21 -1.62 13.61
C SER A 27 -4.67 -0.54 12.69
N HIS A 28 -5.51 -0.01 11.83
CA HIS A 28 -5.08 0.91 10.80
C HIS A 28 -4.73 2.29 11.37
N PRO A 29 -3.47 2.70 11.18
CA PRO A 29 -2.97 4.02 11.58
C PRO A 29 -3.49 5.12 10.67
N LEU A 30 -3.65 6.31 11.25
CA LEU A 30 -4.19 7.47 10.54
C LEU A 30 -3.29 7.92 9.39
N ASN A 31 -2.07 7.39 9.32
CA ASN A 31 -1.15 7.74 8.24
C ASN A 31 -1.29 6.76 7.08
N THR A 32 -2.26 5.86 7.19
CA THR A 32 -2.55 4.90 6.13
C THR A 32 -3.71 5.41 5.29
N PHE A 33 -3.72 5.10 4.00
CA PHE A 33 -4.76 5.62 3.11
C PHE A 33 -5.26 4.53 2.17
N MET A 34 -6.50 4.68 1.72
CA MET A 34 -7.10 3.72 0.80
C MET A 34 -7.07 4.25 -0.63
N PHE A 35 -6.62 3.41 -1.55
CA PHE A 35 -6.56 3.76 -2.95
C PHE A 35 -7.09 2.60 -3.80
N GLN A 36 -7.93 2.91 -4.78
CA GLN A 36 -8.46 1.90 -5.70
C GLN A 36 -9.34 0.90 -4.97
N ASN A 37 -10.01 1.38 -3.94
CA ASN A 37 -10.88 0.54 -3.12
C ASN A 37 -10.05 -0.51 -2.38
N ASN A 38 -8.76 -0.23 -2.24
CA ASN A 38 -7.86 -1.08 -1.47
C ASN A 38 -7.19 -0.23 -0.40
N ARG A 39 -6.56 -0.85 0.57
CA ARG A 39 -5.81 -0.12 1.57
C ARG A 39 -4.33 -0.13 1.23
N PHE A 40 -3.67 1.00 1.38
CA PHE A 40 -2.31 1.18 0.91
C PHE A 40 -1.47 1.79 2.01
N ARG A 41 -0.18 1.48 2.00
CA ARG A 41 0.73 2.06 2.95
C ARG A 41 1.76 2.93 2.25
N ASN A 42 1.93 4.13 2.76
CA ASN A 42 3.02 5.01 2.34
C ASN A 42 4.01 5.16 3.47
N ARG A 43 5.21 4.67 3.27
CA ARG A 43 6.24 4.73 4.28
C ARG A 43 7.54 5.19 3.66
N GLN A 44 7.84 6.47 3.86
CA GLN A 44 9.09 7.06 3.37
C GLN A 44 9.22 6.91 1.86
N GLY A 45 8.09 6.97 1.18
CA GLY A 45 8.07 6.93 -0.27
C GLY A 45 7.96 5.53 -0.80
N ALA A 46 7.70 4.59 0.10
CA ALA A 46 7.52 3.20 -0.29
C ALA A 46 6.05 2.85 -0.20
N LEU A 47 5.50 2.21 -1.23
CA LEU A 47 4.08 1.97 -1.27
C LEU A 47 3.81 0.50 -1.02
N THR A 48 2.93 0.23 -0.09
CA THR A 48 2.62 -1.13 0.31
C THR A 48 1.15 -1.46 0.03
N VAL A 49 0.89 -2.67 -0.42
CA VAL A 49 -0.47 -3.12 -0.69
C VAL A 49 -0.83 -4.25 0.26
N TYR A 50 -2.02 -4.22 0.82
CA TYR A 50 -2.40 -5.23 1.79
C TYR A 50 -2.72 -6.55 1.09
N THR A 51 -2.15 -7.63 1.60
CA THR A 51 -2.42 -8.96 1.07
C THR A 51 -3.65 -9.53 1.76
N GLY A 52 -3.94 -9.00 2.94
CA GLY A 52 -5.08 -9.43 3.71
C GLY A 52 -4.76 -9.46 5.19
N THR A 53 -5.63 -10.07 5.98
CA THR A 53 -5.38 -10.25 7.39
C THR A 53 -4.59 -11.54 7.62
N VAL A 54 -3.89 -11.61 8.74
CA VAL A 54 -3.11 -12.79 9.07
C VAL A 54 -3.36 -13.21 10.51
N THR A 55 -3.42 -14.50 10.75
CA THR A 55 -3.57 -15.00 12.10
C THR A 55 -2.28 -15.66 12.57
N GLN A 56 -1.94 -15.44 13.82
CA GLN A 56 -0.76 -16.04 14.41
C GLN A 56 -1.00 -16.28 15.89
N GLY A 57 -0.63 -17.47 16.34
CA GLY A 57 -1.03 -17.90 17.66
C GLY A 57 -2.48 -18.30 17.65
N THR A 58 -2.83 -19.42 18.25
CA THR A 58 -4.19 -19.90 18.17
C THR A 58 -4.84 -20.02 19.53
N ASP A 59 -6.02 -19.41 19.65
CA ASP A 59 -6.85 -19.48 20.86
C ASP A 59 -6.23 -18.73 22.04
N PRO A 60 -6.34 -17.39 22.07
CA PRO A 60 -6.88 -16.57 20.99
C PRO A 60 -5.93 -16.46 19.80
N VAL A 61 -6.48 -16.39 18.60
CA VAL A 61 -5.67 -16.15 17.42
C VAL A 61 -5.44 -14.66 17.25
N LYS A 62 -4.22 -14.27 16.93
CA LYS A 62 -3.94 -12.85 16.71
C LYS A 62 -4.02 -12.55 15.24
N THR A 63 -4.87 -11.61 14.91
CA THR A 63 -5.06 -11.24 13.52
C THR A 63 -4.57 -9.83 13.24
N TYR A 64 -3.67 -9.73 12.29
CA TYR A 64 -3.08 -8.45 11.92
C TYR A 64 -3.28 -8.19 10.45
N TYR A 65 -3.35 -6.92 10.07
CA TYR A 65 -3.48 -6.57 8.68
C TYR A 65 -2.09 -6.56 8.04
N GLN A 66 -1.93 -7.37 7.02
CA GLN A 66 -0.64 -7.57 6.38
C GLN A 66 -0.52 -6.75 5.11
N TYR A 67 0.55 -6.00 5.02
CA TYR A 67 0.85 -5.20 3.85
C TYR A 67 2.17 -5.65 3.24
N THR A 68 2.13 -6.04 1.98
CA THR A 68 3.31 -6.47 1.27
C THR A 68 3.76 -5.40 0.29
N PRO A 69 5.04 -5.02 0.33
CA PRO A 69 5.60 -4.01 -0.57
C PRO A 69 5.38 -4.38 -2.03
N VAL A 70 4.84 -3.44 -2.79
CA VAL A 70 4.48 -3.72 -4.18
C VAL A 70 5.73 -3.92 -5.01
N SER A 71 5.77 -5.03 -5.73
CA SER A 71 6.92 -5.39 -6.53
C SER A 71 6.74 -4.90 -7.96
N SER A 72 5.58 -4.32 -8.23
CA SER A 72 5.24 -3.89 -9.56
C SER A 72 5.57 -2.41 -9.73
N LYS A 73 6.51 -2.13 -10.62
CA LYS A 73 6.98 -0.77 -10.89
C LYS A 73 5.85 0.21 -11.16
N ALA A 74 4.77 -0.25 -11.75
CA ALA A 74 3.66 0.62 -12.10
C ALA A 74 3.04 1.30 -10.90
N MET A 75 3.05 0.64 -9.75
CA MET A 75 2.45 1.24 -8.56
C MET A 75 3.35 2.35 -8.04
N TYR A 76 4.65 2.12 -8.14
CA TYR A 76 5.61 3.14 -7.76
C TYR A 76 5.63 4.26 -8.79
N ASP A 77 5.60 3.89 -10.07
CA ASP A 77 5.48 4.86 -11.14
C ASP A 77 4.29 5.78 -10.94
N ALA A 78 3.20 5.23 -10.40
CA ALA A 78 2.01 6.01 -10.09
C ALA A 78 2.33 7.08 -9.06
N TYR A 79 3.24 6.74 -8.17
CA TYR A 79 3.73 7.68 -7.17
C TYR A 79 4.62 8.73 -7.85
N TRP A 80 5.66 8.27 -8.53
CA TRP A 80 6.64 9.15 -9.18
C TRP A 80 6.05 10.12 -10.21
N ASN A 81 4.89 9.81 -10.79
CA ASN A 81 4.29 10.74 -11.75
C ASN A 81 3.45 11.78 -11.02
N GLY A 82 3.57 11.79 -9.71
CA GLY A 82 2.92 12.79 -8.88
C GLY A 82 1.42 12.61 -8.75
N LYS A 83 0.91 11.41 -9.03
CA LYS A 83 -0.51 11.14 -8.75
C LYS A 83 -0.69 10.64 -7.32
N PHE A 84 0.32 9.99 -6.78
CA PHE A 84 0.32 9.66 -5.35
C PHE A 84 0.95 10.80 -4.56
N ARG A 85 1.65 11.68 -5.26
CA ARG A 85 2.24 12.86 -4.64
C ARG A 85 1.16 13.86 -4.30
N ASP A 86 0.06 13.74 -5.02
CA ASP A 86 -1.04 14.68 -4.89
C ASP A 86 -2.04 14.22 -3.84
N CYS A 87 -1.93 12.98 -3.39
CA CYS A 87 -2.98 12.41 -2.54
C CYS A 87 -2.44 11.78 -1.26
N ALA A 88 -1.22 11.26 -1.29
CA ALA A 88 -0.69 10.50 -0.16
C ALA A 88 -0.13 11.42 0.92
N PHE A 89 -0.08 12.71 0.63
CA PHE A 89 0.54 13.67 1.55
C PHE A 89 -0.48 14.65 2.11
N HIS A 90 -1.73 14.22 2.23
CA HIS A 90 -2.74 15.03 2.89
C HIS A 90 -2.71 14.75 4.39
N SER A 91 -2.76 15.79 5.20
CA SER A 91 -2.61 15.65 6.64
C SER A 91 -3.56 14.59 7.21
N GLY A 92 -4.87 14.82 7.03
CA GLY A 92 -5.88 13.95 7.58
C GLY A 92 -5.65 13.68 9.05
N PHE A 93 -5.08 12.52 9.31
CA PHE A 93 -4.71 12.10 10.66
C PHE A 93 -5.90 12.24 11.62
N ASN A 94 -7.04 11.73 11.18
CA ASN A 94 -8.25 11.68 12.00
C ASN A 94 -8.55 10.25 12.34
N GLU A 95 -9.47 10.05 13.29
CA GLU A 95 -9.73 8.73 13.89
C GLU A 95 -10.37 7.74 12.92
N ASP A 96 -9.67 7.45 11.83
CA ASP A 96 -10.07 6.49 10.81
C ASP A 96 -9.09 6.56 9.66
N LEU A 97 -9.01 5.48 8.90
CA LEU A 97 -8.13 5.38 7.78
C LEU A 97 -8.44 6.43 6.72
N PHE A 98 -7.39 7.06 6.19
CA PHE A 98 -7.53 8.16 5.27
C PHE A 98 -7.99 7.70 3.89
N VAL A 99 -8.89 8.44 3.29
CA VAL A 99 -9.39 8.11 1.96
C VAL A 99 -8.70 8.95 0.89
N CYS A 100 -8.21 8.30 -0.15
CA CYS A 100 -7.54 8.98 -1.24
C CYS A 100 -8.57 9.49 -2.25
N GLU A 101 -8.35 10.70 -2.75
CA GLU A 101 -9.23 11.31 -3.73
C GLU A 101 -9.06 10.68 -5.09
N TYR A 102 -7.91 10.05 -5.31
CA TYR A 102 -7.63 9.41 -6.58
C TYR A 102 -8.14 7.97 -6.58
N GLN A 103 -8.73 7.56 -7.70
CA GLN A 103 -9.33 6.24 -7.82
C GLN A 103 -9.09 5.64 -9.20
N GLY A 104 -7.92 5.93 -9.76
CA GLY A 104 -7.56 5.39 -11.05
C GLY A 104 -8.06 6.24 -12.20
N HIS A 105 -7.59 5.93 -13.39
CA HIS A 105 -7.96 6.68 -14.58
C HIS A 105 -9.34 6.24 -15.07
N HIS A 106 -10.39 6.81 -14.50
CA HIS A 106 -11.73 6.43 -14.89
C HIS A 106 -12.52 7.64 -15.41
N HIS A 107 -12.00 8.26 -16.46
CA HIS A 107 -12.73 9.30 -17.17
C HIS A 107 -12.89 8.92 -18.63
N HIS A 108 -12.75 7.63 -18.89
CA HIS A 108 -13.14 7.04 -20.16
C HIS A 108 -14.26 6.04 -19.88
N HIS A 109 -14.12 5.36 -18.74
CA HIS A 109 -15.19 4.54 -18.20
C HIS A 109 -15.76 5.20 -16.95
N HIS A 110 -16.97 4.80 -16.59
CA HIS A 110 -17.63 5.36 -15.40
C HIS A 110 -16.87 4.99 -14.12
N TYR A 1 3.94 -7.89 -24.45
CA TYR A 1 3.44 -6.76 -23.66
C TYR A 1 4.12 -6.75 -22.30
N ILE A 2 4.40 -5.55 -21.80
CA ILE A 2 5.10 -5.39 -20.53
C ILE A 2 4.10 -5.19 -19.41
N ASN A 3 4.11 -6.10 -18.45
CA ASN A 3 3.26 -5.94 -17.28
C ASN A 3 4.12 -5.48 -16.11
N PRO A 4 4.00 -4.20 -15.73
CA PRO A 4 4.83 -3.59 -14.69
C PRO A 4 4.34 -3.92 -13.27
N LEU A 5 3.14 -4.48 -13.15
CA LEU A 5 2.58 -4.80 -11.84
C LEU A 5 2.85 -6.26 -11.48
N ASP A 6 3.66 -6.91 -12.29
CA ASP A 6 3.94 -8.34 -12.15
C ASP A 6 4.91 -8.64 -11.00
N GLY A 7 5.33 -7.62 -10.28
CA GLY A 7 6.30 -7.85 -9.22
C GLY A 7 7.72 -7.99 -9.73
N THR A 8 8.06 -7.24 -10.77
CA THR A 8 9.29 -7.46 -11.51
C THR A 8 10.54 -6.91 -10.79
N TYR A 9 10.34 -6.17 -9.71
CA TYR A 9 11.47 -5.72 -8.90
C TYR A 9 11.27 -6.12 -7.45
N PRO A 10 11.93 -7.21 -7.02
CA PRO A 10 11.85 -7.70 -5.64
C PRO A 10 12.45 -6.71 -4.65
N PRO A 11 11.75 -6.44 -3.54
CA PRO A 11 12.24 -5.54 -2.50
C PRO A 11 13.49 -6.09 -1.84
N GLY A 12 14.25 -5.22 -1.19
CA GLY A 12 15.52 -5.63 -0.62
C GLY A 12 16.61 -5.68 -1.68
N THR A 13 16.47 -4.85 -2.70
CA THR A 13 17.45 -4.78 -3.78
C THR A 13 17.88 -3.34 -4.02
N GLU A 14 18.82 -3.17 -4.93
CA GLU A 14 19.24 -1.83 -5.33
C GLU A 14 18.17 -1.22 -6.23
N GLN A 15 17.50 -2.10 -6.97
CA GLN A 15 16.41 -1.71 -7.86
C GLN A 15 15.24 -1.22 -7.02
N ASN A 16 14.80 -2.08 -6.11
CA ASN A 16 13.75 -1.72 -5.17
C ASN A 16 14.32 -1.62 -3.76
N PRO A 17 14.64 -0.38 -3.32
CA PRO A 17 15.30 -0.14 -2.03
C PRO A 17 14.38 -0.35 -0.84
N ALA A 18 13.11 -0.60 -1.12
CA ALA A 18 12.13 -0.82 -0.07
C ALA A 18 12.38 -2.16 0.63
N ASN A 19 12.26 -2.13 1.96
CA ASN A 19 12.40 -3.35 2.76
C ASN A 19 11.39 -4.40 2.33
N PRO A 20 11.85 -5.63 2.10
CA PRO A 20 11.00 -6.72 1.64
C PRO A 20 10.20 -7.36 2.77
N ASN A 21 10.46 -6.93 3.99
CA ASN A 21 9.72 -7.45 5.13
C ASN A 21 8.37 -6.76 5.24
N PRO A 22 7.29 -7.55 5.19
CA PRO A 22 5.91 -7.05 5.31
C PRO A 22 5.59 -6.58 6.73
N SER A 23 4.49 -5.86 6.88
CA SER A 23 4.12 -5.34 8.18
C SER A 23 2.69 -5.76 8.56
N LEU A 24 2.48 -5.98 9.85
CA LEU A 24 1.18 -6.37 10.37
C LEU A 24 0.65 -5.35 11.35
N GLU A 25 -0.64 -5.06 11.26
CA GLU A 25 -1.28 -4.16 12.20
C GLU A 25 -2.53 -4.80 12.79
N GLU A 26 -2.61 -4.77 14.11
CA GLU A 26 -3.76 -5.32 14.84
C GLU A 26 -5.00 -4.49 14.58
N SER A 27 -4.78 -3.24 14.20
CA SER A 27 -5.85 -2.32 13.88
C SER A 27 -5.36 -1.30 12.86
N HIS A 28 -6.25 -0.89 11.97
CA HIS A 28 -5.87 0.00 10.88
C HIS A 28 -5.69 1.44 11.39
N PRO A 29 -4.45 1.95 11.35
CA PRO A 29 -4.11 3.30 11.76
C PRO A 29 -4.51 4.31 10.69
N LEU A 30 -4.86 5.50 11.13
CA LEU A 30 -5.35 6.54 10.24
C LEU A 30 -4.23 7.06 9.34
N ASN A 31 -2.99 6.70 9.66
CA ASN A 31 -1.84 7.11 8.87
C ASN A 31 -1.71 6.26 7.61
N THR A 32 -2.77 5.51 7.32
CA THR A 32 -2.85 4.72 6.12
C THR A 32 -3.92 5.33 5.21
N PHE A 33 -3.73 5.24 3.90
CA PHE A 33 -4.68 5.82 2.97
C PHE A 33 -5.22 4.78 2.02
N MET A 34 -6.45 4.97 1.57
CA MET A 34 -7.05 4.02 0.65
C MET A 34 -6.97 4.51 -0.79
N PHE A 35 -6.46 3.63 -1.64
CA PHE A 35 -6.31 3.89 -3.07
C PHE A 35 -7.04 2.82 -3.86
N GLN A 36 -8.00 3.24 -4.69
CA GLN A 36 -8.79 2.33 -5.51
C GLN A 36 -9.60 1.36 -4.66
N ASN A 37 -10.09 1.85 -3.52
CA ASN A 37 -10.88 1.04 -2.59
C ASN A 37 -10.03 -0.01 -1.88
N ASN A 38 -8.71 0.14 -1.98
CA ASN A 38 -7.78 -0.74 -1.26
C ASN A 38 -7.02 0.07 -0.25
N ARG A 39 -6.54 -0.57 0.81
CA ARG A 39 -5.72 0.12 1.79
C ARG A 39 -4.27 0.09 1.35
N PHE A 40 -3.59 1.23 1.42
CA PHE A 40 -2.26 1.39 0.90
C PHE A 40 -1.41 2.07 1.95
N ARG A 41 -0.13 1.75 1.99
CA ARG A 41 0.73 2.38 2.98
C ARG A 41 1.86 3.12 2.27
N ASN A 42 2.08 4.34 2.69
CA ASN A 42 3.18 5.13 2.16
C ASN A 42 4.31 5.18 3.16
N ARG A 43 5.49 4.78 2.72
CA ARG A 43 6.66 4.79 3.57
C ARG A 43 7.77 5.53 2.84
N GLN A 44 7.93 6.81 3.19
CA GLN A 44 8.94 7.67 2.58
C GLN A 44 8.82 7.66 1.07
N GLY A 45 7.59 7.54 0.57
CA GLY A 45 7.35 7.60 -0.86
C GLY A 45 7.30 6.22 -1.49
N ALA A 46 7.25 5.20 -0.66
CA ALA A 46 7.15 3.83 -1.15
C ALA A 46 5.77 3.27 -0.83
N LEU A 47 5.13 2.65 -1.82
CA LEU A 47 3.76 2.19 -1.65
C LEU A 47 3.70 0.71 -1.26
N THR A 48 2.89 0.44 -0.25
CA THR A 48 2.62 -0.90 0.21
C THR A 48 1.13 -1.20 0.09
N VAL A 49 0.77 -2.46 -0.17
CA VAL A 49 -0.63 -2.84 -0.31
C VAL A 49 -1.02 -3.86 0.74
N TYR A 50 -2.24 -3.76 1.25
CA TYR A 50 -2.73 -4.76 2.18
C TYR A 50 -3.13 -6.02 1.40
N THR A 51 -2.61 -7.16 1.82
CA THR A 51 -2.93 -8.42 1.17
C THR A 51 -4.07 -9.14 1.89
N GLY A 52 -4.58 -8.51 2.95
CA GLY A 52 -5.69 -9.07 3.68
C GLY A 52 -5.38 -9.27 5.15
N THR A 53 -6.27 -9.94 5.85
CA THR A 53 -6.06 -10.25 7.25
C THR A 53 -5.34 -11.60 7.36
N VAL A 54 -4.61 -11.79 8.45
CA VAL A 54 -3.88 -13.02 8.66
C VAL A 54 -4.05 -13.51 10.09
N THR A 55 -4.15 -14.81 10.27
CA THR A 55 -4.22 -15.38 11.60
C THR A 55 -2.90 -16.06 11.95
N GLN A 56 -2.48 -15.91 13.20
CA GLN A 56 -1.23 -16.48 13.68
C GLN A 56 -1.29 -16.65 15.19
N GLY A 57 -0.58 -17.65 15.70
CA GLY A 57 -0.71 -17.99 17.10
C GLY A 57 -1.99 -18.74 17.35
N THR A 58 -2.01 -19.59 18.36
CA THR A 58 -3.19 -20.40 18.59
C THR A 58 -3.67 -20.31 20.02
N ASP A 59 -4.99 -20.18 20.18
CA ASP A 59 -5.66 -20.25 21.45
C ASP A 59 -5.14 -19.24 22.48
N PRO A 60 -5.56 -17.96 22.36
CA PRO A 60 -6.32 -17.47 21.22
C PRO A 60 -5.46 -17.27 19.96
N VAL A 61 -6.12 -17.33 18.81
CA VAL A 61 -5.48 -17.05 17.54
C VAL A 61 -5.53 -15.56 17.25
N LYS A 62 -4.43 -15.01 16.77
CA LYS A 62 -4.34 -13.57 16.55
C LYS A 62 -4.52 -13.23 15.08
N THR A 63 -5.43 -12.33 14.79
CA THR A 63 -5.66 -11.89 13.43
C THR A 63 -5.17 -10.45 13.25
N TYR A 64 -4.39 -10.23 12.20
CA TYR A 64 -3.85 -8.91 11.92
C TYR A 64 -4.14 -8.53 10.48
N TYR A 65 -3.97 -7.25 10.16
CA TYR A 65 -4.01 -6.80 8.79
C TYR A 65 -2.60 -6.81 8.23
N GLN A 66 -2.41 -7.53 7.15
CA GLN A 66 -1.09 -7.71 6.55
C GLN A 66 -0.91 -6.80 5.35
N TYR A 67 0.12 -5.96 5.40
CA TYR A 67 0.47 -5.12 4.27
C TYR A 67 1.82 -5.55 3.71
N THR A 68 1.80 -6.05 2.48
CA THR A 68 3.00 -6.54 1.84
C THR A 68 3.48 -5.53 0.79
N PRO A 69 4.76 -5.13 0.87
CA PRO A 69 5.35 -4.17 -0.06
C PRO A 69 5.30 -4.64 -1.50
N VAL A 70 4.84 -3.77 -2.39
CA VAL A 70 4.72 -4.12 -3.79
C VAL A 70 6.08 -4.21 -4.45
N SER A 71 6.24 -5.23 -5.28
CA SER A 71 7.45 -5.43 -6.04
C SER A 71 7.24 -4.94 -7.46
N SER A 72 6.09 -4.31 -7.67
CA SER A 72 5.66 -3.92 -8.99
C SER A 72 5.98 -2.47 -9.24
N LYS A 73 6.95 -2.23 -10.11
CA LYS A 73 7.37 -0.89 -10.47
C LYS A 73 6.21 -0.01 -10.92
N ALA A 74 5.16 -0.61 -11.49
CA ALA A 74 4.00 0.15 -11.92
C ALA A 74 3.41 0.99 -10.79
N MET A 75 3.48 0.49 -9.56
CA MET A 75 2.96 1.24 -8.43
C MET A 75 3.85 2.45 -8.17
N TYR A 76 5.12 2.31 -8.48
CA TYR A 76 6.06 3.41 -8.39
C TYR A 76 5.83 4.44 -9.50
N ASP A 77 5.64 3.97 -10.73
CA ASP A 77 5.28 4.87 -11.82
C ASP A 77 3.99 5.62 -11.51
N ALA A 78 3.07 4.94 -10.83
CA ALA A 78 1.84 5.56 -10.36
C ALA A 78 2.16 6.70 -9.40
N TYR A 79 3.24 6.52 -8.67
CA TYR A 79 3.77 7.56 -7.80
C TYR A 79 4.44 8.66 -8.64
N TRP A 80 5.37 8.26 -9.50
CA TRP A 80 6.19 9.19 -10.30
C TRP A 80 5.41 10.10 -11.23
N ASN A 81 4.16 9.79 -11.49
CA ASN A 81 3.34 10.65 -12.35
C ASN A 81 2.83 11.85 -11.55
N GLY A 82 3.22 11.88 -10.28
CA GLY A 82 2.93 13.01 -9.42
C GLY A 82 1.48 13.10 -9.01
N LYS A 83 0.72 12.04 -9.21
CA LYS A 83 -0.66 12.00 -8.73
C LYS A 83 -0.68 11.54 -7.28
N PHE A 84 0.30 10.75 -6.89
CA PHE A 84 0.45 10.35 -5.49
C PHE A 84 1.16 11.44 -4.72
N ARG A 85 1.77 12.37 -5.43
CA ARG A 85 2.49 13.46 -4.81
C ARG A 85 1.51 14.43 -4.17
N ASP A 86 0.28 14.39 -4.64
CA ASP A 86 -0.78 15.24 -4.10
C ASP A 86 -1.50 14.58 -2.94
N CYS A 87 -1.30 13.28 -2.76
CA CYS A 87 -2.15 12.55 -1.82
C CYS A 87 -1.39 11.69 -0.81
N ALA A 88 -0.22 11.20 -1.19
CA ALA A 88 0.46 10.18 -0.38
C ALA A 88 1.26 10.80 0.77
N PHE A 89 1.34 12.12 0.79
CA PHE A 89 2.13 12.80 1.81
C PHE A 89 1.21 13.52 2.78
N HIS A 90 -0.01 13.03 2.87
CA HIS A 90 -0.95 13.50 3.87
C HIS A 90 -0.80 12.64 5.12
N SER A 91 -0.86 13.29 6.27
CA SER A 91 -0.64 12.62 7.55
C SER A 91 -1.73 11.59 7.84
N GLY A 92 -2.91 11.89 7.33
CA GLY A 92 -4.03 10.98 7.47
C GLY A 92 -4.69 11.11 8.82
N PHE A 93 -4.59 12.30 9.40
CA PHE A 93 -5.00 12.49 10.78
C PHE A 93 -6.49 12.78 10.87
N ASN A 94 -7.28 11.82 10.42
CA ASN A 94 -8.72 11.85 10.60
C ASN A 94 -9.15 10.57 11.28
N GLU A 95 -10.31 10.58 11.92
CA GLU A 95 -10.81 9.38 12.57
C GLU A 95 -10.97 8.26 11.55
N ASP A 96 -10.31 7.14 11.83
CA ASP A 96 -10.30 5.97 10.96
C ASP A 96 -9.42 6.23 9.72
N LEU A 97 -9.50 5.35 8.76
CA LEU A 97 -8.63 5.36 7.61
C LEU A 97 -8.75 6.64 6.77
N PHE A 98 -7.63 7.06 6.18
CA PHE A 98 -7.60 8.23 5.32
C PHE A 98 -7.97 7.84 3.89
N VAL A 99 -8.77 8.67 3.24
CA VAL A 99 -9.19 8.42 1.87
C VAL A 99 -8.37 9.25 0.91
N CYS A 100 -7.83 8.60 -0.11
CA CYS A 100 -6.93 9.29 -1.03
C CYS A 100 -7.71 10.13 -2.02
N GLU A 101 -7.13 11.28 -2.39
CA GLU A 101 -7.74 12.20 -3.34
C GLU A 101 -7.71 11.60 -4.74
N TYR A 102 -6.80 10.65 -4.95
CA TYR A 102 -6.72 9.95 -6.21
C TYR A 102 -7.33 8.56 -6.07
N GLN A 103 -8.49 8.36 -6.69
CA GLN A 103 -9.20 7.10 -6.60
C GLN A 103 -10.31 7.04 -7.64
N GLY A 104 -10.56 5.85 -8.18
CA GLY A 104 -11.61 5.68 -9.17
C GLY A 104 -11.20 6.16 -10.55
N HIS A 105 -10.79 7.41 -10.63
CA HIS A 105 -10.39 8.03 -11.88
C HIS A 105 -9.11 7.38 -12.40
N HIS A 106 -9.19 6.81 -13.59
CA HIS A 106 -8.05 6.12 -14.17
C HIS A 106 -7.39 6.96 -15.26
N HIS A 107 -6.24 6.49 -15.71
CA HIS A 107 -5.46 7.18 -16.73
C HIS A 107 -5.32 6.28 -17.96
N HIS A 108 -5.86 5.08 -17.85
CA HIS A 108 -5.81 4.10 -18.94
C HIS A 108 -7.10 4.16 -19.75
N HIS A 109 -6.97 4.24 -21.06
CA HIS A 109 -8.10 4.23 -21.97
C HIS A 109 -7.91 3.16 -23.04
N HIS A 110 -8.97 2.89 -23.77
CA HIS A 110 -8.92 1.89 -24.85
C HIS A 110 -9.16 2.56 -26.19
N TYR A 1 -5.07 -4.09 -14.45
CA TYR A 1 -4.70 -3.46 -13.16
C TYR A 1 -3.24 -3.75 -12.85
N ILE A 2 -2.74 -3.15 -11.77
CA ILE A 2 -1.34 -3.35 -11.37
C ILE A 2 -1.22 -4.61 -10.53
N ASN A 3 -0.42 -5.55 -11.00
CA ASN A 3 -0.22 -6.81 -10.29
C ASN A 3 1.06 -6.74 -9.47
N PRO A 4 0.93 -6.65 -8.14
CA PRO A 4 2.05 -6.38 -7.22
C PRO A 4 3.04 -7.53 -7.12
N LEU A 5 2.52 -8.75 -7.09
CA LEU A 5 3.32 -9.94 -6.88
C LEU A 5 4.01 -10.39 -8.18
N ASP A 6 3.95 -9.56 -9.20
CA ASP A 6 4.46 -9.92 -10.51
C ASP A 6 5.99 -10.05 -10.53
N GLY A 7 6.66 -9.41 -9.58
CA GLY A 7 8.06 -9.71 -9.35
C GLY A 7 8.98 -9.14 -10.40
N THR A 8 8.59 -8.02 -11.02
CA THR A 8 9.45 -7.39 -12.01
C THR A 8 10.55 -6.59 -11.30
N TYR A 9 10.31 -6.28 -10.02
CA TYR A 9 11.32 -5.69 -9.15
C TYR A 9 11.10 -6.15 -7.72
N PRO A 10 11.70 -7.27 -7.32
CA PRO A 10 11.60 -7.79 -5.95
C PRO A 10 12.25 -6.85 -4.94
N PRO A 11 11.56 -6.60 -3.81
CA PRO A 11 12.09 -5.75 -2.73
C PRO A 11 13.32 -6.36 -2.06
N GLY A 12 14.07 -5.54 -1.34
CA GLY A 12 15.30 -6.00 -0.73
C GLY A 12 16.43 -6.08 -1.72
N THR A 13 16.39 -5.22 -2.72
CA THR A 13 17.38 -5.21 -3.78
C THR A 13 17.85 -3.78 -4.04
N GLU A 14 18.82 -3.62 -4.92
CA GLU A 14 19.27 -2.31 -5.31
C GLU A 14 18.17 -1.58 -6.09
N GLN A 15 17.42 -2.34 -6.88
CA GLN A 15 16.31 -1.80 -7.65
C GLN A 15 15.20 -1.33 -6.71
N ASN A 16 14.93 -2.10 -5.68
CA ASN A 16 13.95 -1.73 -4.69
C ASN A 16 14.53 -1.86 -3.28
N PRO A 17 15.02 -0.75 -2.72
CA PRO A 17 15.72 -0.75 -1.42
C PRO A 17 14.77 -0.96 -0.24
N ALA A 18 13.48 -0.97 -0.53
CA ALA A 18 12.48 -1.18 0.50
C ALA A 18 12.58 -2.57 1.09
N ASN A 19 12.38 -2.65 2.39
CA ASN A 19 12.41 -3.93 3.11
C ASN A 19 11.45 -4.91 2.49
N PRO A 20 11.94 -6.12 2.15
CA PRO A 20 11.11 -7.15 1.55
C PRO A 20 10.25 -7.86 2.60
N ASN A 21 10.41 -7.44 3.84
CA ASN A 21 9.63 -7.98 4.94
C ASN A 21 8.30 -7.23 5.02
N PRO A 22 7.17 -7.95 4.92
CA PRO A 22 5.85 -7.36 5.05
C PRO A 22 5.64 -6.77 6.44
N SER A 23 4.71 -5.85 6.54
CA SER A 23 4.44 -5.20 7.81
C SER A 23 3.13 -5.71 8.39
N LEU A 24 3.09 -5.83 9.72
CA LEU A 24 1.89 -6.29 10.39
C LEU A 24 1.46 -5.33 11.49
N GLU A 25 0.20 -4.94 11.43
CA GLU A 25 -0.40 -4.08 12.42
C GLU A 25 -1.68 -4.71 12.94
N GLU A 26 -1.86 -4.68 14.24
CA GLU A 26 -3.01 -5.30 14.88
C GLU A 26 -4.29 -4.52 14.58
N SER A 27 -4.12 -3.26 14.21
CA SER A 27 -5.22 -2.44 13.79
C SER A 27 -4.76 -1.38 12.80
N HIS A 28 -5.68 -0.96 11.99
CA HIS A 28 -5.44 0.01 10.94
C HIS A 28 -5.33 1.43 11.50
N PRO A 29 -4.14 2.04 11.45
CA PRO A 29 -3.94 3.41 11.91
C PRO A 29 -4.55 4.41 10.95
N LEU A 30 -5.02 5.51 11.51
CA LEU A 30 -5.70 6.56 10.74
C LEU A 30 -4.77 7.27 9.77
N ASN A 31 -3.47 7.02 9.90
CA ASN A 31 -2.49 7.64 9.02
C ASN A 31 -2.20 6.76 7.79
N THR A 32 -3.05 5.77 7.56
CA THR A 32 -2.94 4.94 6.36
C THR A 32 -4.04 5.35 5.38
N PHE A 33 -3.80 5.23 4.09
CA PHE A 33 -4.78 5.67 3.13
C PHE A 33 -5.24 4.54 2.23
N MET A 34 -6.43 4.67 1.66
CA MET A 34 -6.99 3.64 0.82
C MET A 34 -6.94 4.04 -0.66
N PHE A 35 -6.53 3.11 -1.49
CA PHE A 35 -6.49 3.31 -2.93
C PHE A 35 -6.94 2.04 -3.64
N GLN A 36 -7.80 2.21 -4.65
CA GLN A 36 -8.27 1.10 -5.48
C GLN A 36 -9.05 0.08 -4.65
N ASN A 37 -9.76 0.56 -3.63
CA ASN A 37 -10.53 -0.31 -2.73
C ASN A 37 -9.59 -1.21 -1.92
N ASN A 38 -8.34 -0.81 -1.83
CA ASN A 38 -7.36 -1.51 -1.01
C ASN A 38 -6.76 -0.55 0.01
N ARG A 39 -6.13 -1.09 1.03
CA ARG A 39 -5.38 -0.26 1.96
C ARG A 39 -3.98 -0.09 1.41
N PHE A 40 -3.41 1.10 1.58
CA PHE A 40 -2.11 1.40 1.02
C PHE A 40 -1.30 2.08 2.12
N ARG A 41 0.00 1.87 2.14
CA ARG A 41 0.83 2.55 3.10
C ARG A 41 1.95 3.30 2.40
N ASN A 42 2.08 4.55 2.79
CA ASN A 42 3.19 5.39 2.36
C ASN A 42 4.14 5.64 3.50
N ARG A 43 5.40 5.29 3.31
CA ARG A 43 6.41 5.51 4.30
C ARG A 43 7.65 6.08 3.63
N GLN A 44 7.80 7.39 3.73
CA GLN A 44 8.92 8.12 3.15
C GLN A 44 9.01 7.91 1.65
N GLY A 45 7.85 7.78 1.02
CA GLY A 45 7.80 7.62 -0.42
C GLY A 45 7.85 6.18 -0.83
N ALA A 46 7.66 5.30 0.13
CA ALA A 46 7.67 3.87 -0.13
C ALA A 46 6.26 3.32 0.01
N LEU A 47 5.71 2.81 -1.08
CA LEU A 47 4.35 2.32 -1.07
C LEU A 47 4.31 0.82 -0.78
N THR A 48 3.51 0.47 0.20
CA THR A 48 3.24 -0.92 0.51
C THR A 48 1.74 -1.19 0.38
N VAL A 49 1.41 -2.38 -0.07
CA VAL A 49 0.03 -2.70 -0.42
C VAL A 49 -0.52 -3.78 0.48
N TYR A 50 -1.74 -3.57 0.96
CA TYR A 50 -2.39 -4.48 1.88
C TYR A 50 -2.76 -5.77 1.17
N THR A 51 -2.14 -6.87 1.59
CA THR A 51 -2.37 -8.16 0.97
C THR A 51 -3.50 -8.90 1.67
N GLY A 52 -3.76 -8.52 2.91
CA GLY A 52 -4.82 -9.15 3.67
C GLY A 52 -4.48 -9.27 5.13
N THR A 53 -5.33 -9.96 5.88
CA THR A 53 -5.08 -10.19 7.29
C THR A 53 -4.26 -11.45 7.49
N VAL A 54 -3.63 -11.57 8.66
CA VAL A 54 -2.88 -12.76 9.02
C VAL A 54 -3.28 -13.20 10.42
N THR A 55 -3.37 -14.50 10.63
CA THR A 55 -3.66 -15.03 11.95
C THR A 55 -2.40 -15.64 12.56
N GLN A 56 -2.24 -15.43 13.86
CA GLN A 56 -1.12 -15.97 14.60
C GLN A 56 -1.51 -16.15 16.05
N GLY A 57 -1.10 -17.25 16.65
CA GLY A 57 -1.63 -17.63 17.93
C GLY A 57 -2.97 -18.30 17.75
N THR A 58 -3.42 -19.05 18.74
CA THR A 58 -4.66 -19.79 18.60
C THR A 58 -5.53 -19.72 19.85
N ASP A 59 -6.80 -19.36 19.63
CA ASP A 59 -7.83 -19.40 20.67
C ASP A 59 -7.48 -18.54 21.89
N PRO A 60 -7.65 -17.21 21.82
CA PRO A 60 -8.00 -16.50 20.59
C PRO A 60 -6.85 -16.41 19.59
N VAL A 61 -7.17 -16.43 18.31
CA VAL A 61 -6.17 -16.23 17.28
C VAL A 61 -6.00 -14.73 17.02
N LYS A 62 -4.77 -14.29 16.88
CA LYS A 62 -4.53 -12.86 16.67
C LYS A 62 -4.42 -12.57 15.19
N THR A 63 -5.25 -11.67 14.73
CA THR A 63 -5.26 -11.32 13.34
C THR A 63 -4.69 -9.92 13.15
N TYR A 64 -3.73 -9.83 12.26
CA TYR A 64 -3.06 -8.59 11.94
C TYR A 64 -3.31 -8.24 10.48
N TYR A 65 -3.07 -7.01 10.10
CA TYR A 65 -3.16 -6.61 8.70
C TYR A 65 -1.77 -6.56 8.10
N GLN A 66 -1.63 -7.19 6.93
CA GLN A 66 -0.32 -7.31 6.30
C GLN A 66 -0.20 -6.37 5.12
N TYR A 67 0.82 -5.52 5.18
CA TYR A 67 1.17 -4.64 4.06
C TYR A 67 2.47 -5.12 3.44
N THR A 68 2.39 -5.59 2.21
CA THR A 68 3.54 -6.14 1.52
C THR A 68 4.07 -5.15 0.50
N PRO A 69 5.40 -4.93 0.48
CA PRO A 69 6.04 -4.11 -0.54
C PRO A 69 5.81 -4.67 -1.94
N VAL A 70 5.25 -3.85 -2.81
CA VAL A 70 4.92 -4.30 -4.15
C VAL A 70 6.15 -4.41 -5.03
N SER A 71 6.19 -5.47 -5.83
CA SER A 71 7.31 -5.73 -6.71
C SER A 71 7.02 -5.20 -8.11
N SER A 72 5.91 -4.48 -8.26
CA SER A 72 5.49 -3.99 -9.55
C SER A 72 5.90 -2.55 -9.75
N LYS A 73 6.89 -2.34 -10.61
CA LYS A 73 7.36 -1.00 -10.96
C LYS A 73 6.24 -0.08 -11.41
N ALA A 74 5.18 -0.61 -12.00
CA ALA A 74 4.07 0.22 -12.44
C ALA A 74 3.36 0.88 -11.25
N MET A 75 3.33 0.18 -10.10
CA MET A 75 2.74 0.75 -8.90
C MET A 75 3.53 1.98 -8.46
N TYR A 76 4.85 1.87 -8.57
CA TYR A 76 5.73 2.99 -8.26
C TYR A 76 5.63 4.06 -9.33
N ASP A 77 5.55 3.64 -10.59
CA ASP A 77 5.35 4.55 -11.72
C ASP A 77 4.15 5.45 -11.47
N ALA A 78 3.06 4.87 -10.99
CA ALA A 78 1.86 5.63 -10.70
C ALA A 78 2.17 6.74 -9.71
N TYR A 79 3.03 6.42 -8.75
CA TYR A 79 3.52 7.39 -7.78
C TYR A 79 4.42 8.42 -8.45
N TRP A 80 5.43 7.95 -9.20
CA TRP A 80 6.37 8.83 -9.88
C TRP A 80 5.69 9.79 -10.88
N ASN A 81 4.47 9.47 -11.30
CA ASN A 81 3.71 10.38 -12.16
C ASN A 81 3.29 11.63 -11.39
N GLY A 82 3.55 11.61 -10.10
CA GLY A 82 3.20 12.73 -9.25
C GLY A 82 1.72 12.85 -9.02
N LYS A 83 0.99 11.78 -9.31
CA LYS A 83 -0.43 11.73 -9.06
C LYS A 83 -0.69 11.42 -7.59
N PHE A 84 0.27 10.78 -6.95
CA PHE A 84 0.17 10.45 -5.53
C PHE A 84 0.74 11.57 -4.66
N ARG A 85 1.43 12.52 -5.28
CA ARG A 85 2.08 13.60 -4.54
C ARG A 85 1.08 14.43 -3.77
N ASP A 86 -0.11 14.57 -4.32
CA ASP A 86 -1.13 15.41 -3.72
C ASP A 86 -2.01 14.63 -2.75
N CYS A 87 -1.81 13.31 -2.65
CA CYS A 87 -2.74 12.50 -1.87
C CYS A 87 -2.03 11.58 -0.86
N ALA A 88 -0.81 11.16 -1.17
CA ALA A 88 -0.14 10.16 -0.36
C ALA A 88 0.54 10.76 0.87
N PHE A 89 0.74 12.07 0.84
CA PHE A 89 1.53 12.73 1.87
C PHE A 89 0.63 13.49 2.84
N HIS A 90 -0.60 13.03 2.98
CA HIS A 90 -1.52 13.63 3.93
C HIS A 90 -1.74 12.71 5.11
N SER A 91 -1.60 13.26 6.30
CA SER A 91 -1.88 12.55 7.53
C SER A 91 -3.37 12.28 7.69
N GLY A 92 -4.14 13.35 7.49
CA GLY A 92 -5.57 13.29 7.75
C GLY A 92 -5.84 13.47 9.22
N PHE A 93 -5.37 12.50 9.99
CA PHE A 93 -5.32 12.58 11.43
C PHE A 93 -6.70 12.74 12.06
N ASN A 94 -7.66 12.03 11.49
CA ASN A 94 -8.97 11.89 12.10
C ASN A 94 -9.14 10.45 12.51
N GLU A 95 -10.07 10.16 13.41
CA GLU A 95 -10.13 8.84 14.05
C GLU A 95 -10.69 7.74 13.14
N ASP A 96 -10.01 7.56 12.02
CA ASP A 96 -10.25 6.45 11.10
C ASP A 96 -9.32 6.62 9.90
N LEU A 97 -9.16 5.57 9.10
CA LEU A 97 -8.16 5.57 8.04
C LEU A 97 -8.54 6.55 6.91
N PHE A 98 -7.51 7.07 6.25
CA PHE A 98 -7.67 8.15 5.28
C PHE A 98 -8.05 7.63 3.90
N VAL A 99 -8.95 8.33 3.24
CA VAL A 99 -9.36 7.96 1.89
C VAL A 99 -8.64 8.84 0.87
N CYS A 100 -8.02 8.20 -0.11
CA CYS A 100 -7.28 8.94 -1.13
C CYS A 100 -8.26 9.47 -2.19
N GLU A 101 -8.10 10.74 -2.53
CA GLU A 101 -8.94 11.38 -3.54
C GLU A 101 -8.60 10.86 -4.93
N TYR A 102 -7.40 10.32 -5.09
CA TYR A 102 -7.03 9.70 -6.35
C TYR A 102 -7.57 8.28 -6.42
N GLN A 103 -8.09 7.91 -7.57
CA GLN A 103 -8.68 6.60 -7.75
C GLN A 103 -8.35 6.08 -9.15
N GLY A 104 -8.09 4.79 -9.25
CA GLY A 104 -7.88 4.17 -10.55
C GLY A 104 -9.21 3.86 -11.20
N HIS A 105 -9.98 4.90 -11.48
CA HIS A 105 -11.31 4.77 -12.04
C HIS A 105 -11.69 6.05 -12.76
N HIS A 106 -12.12 5.92 -14.01
CA HIS A 106 -12.48 7.07 -14.81
C HIS A 106 -13.99 7.29 -14.73
N HIS A 107 -14.43 8.14 -13.81
CA HIS A 107 -15.86 8.36 -13.61
C HIS A 107 -16.39 9.44 -14.54
N HIS A 108 -15.78 9.56 -15.71
CA HIS A 108 -16.17 10.54 -16.69
C HIS A 108 -15.82 10.05 -18.09
N HIS A 109 -16.82 9.69 -18.88
CA HIS A 109 -16.60 9.15 -20.21
C HIS A 109 -17.33 9.95 -21.26
N HIS A 110 -17.16 9.55 -22.50
CA HIS A 110 -17.88 10.15 -23.61
C HIS A 110 -18.46 9.05 -24.50
N TYR A 1 6.19 -15.71 -16.91
CA TYR A 1 6.52 -14.40 -17.52
C TYR A 1 6.43 -13.32 -16.46
N ILE A 2 7.29 -12.33 -16.57
CA ILE A 2 7.31 -11.22 -15.62
C ILE A 2 6.86 -9.94 -16.30
N ASN A 3 5.68 -9.45 -15.91
CA ASN A 3 5.09 -8.24 -16.48
C ASN A 3 5.24 -7.10 -15.47
N PRO A 4 5.29 -5.85 -15.94
CA PRO A 4 5.55 -4.68 -15.08
C PRO A 4 4.84 -4.66 -13.72
N LEU A 5 3.60 -5.11 -13.66
CA LEU A 5 2.86 -5.10 -12.38
C LEU A 5 2.99 -6.44 -11.67
N ASP A 6 3.68 -7.37 -12.32
CA ASP A 6 3.89 -8.72 -11.78
C ASP A 6 4.85 -8.75 -10.58
N GLY A 7 5.31 -7.59 -10.12
CA GLY A 7 6.35 -7.63 -9.11
C GLY A 7 7.73 -7.78 -9.71
N THR A 8 7.95 -7.09 -10.83
CA THR A 8 9.06 -7.35 -11.73
C THR A 8 10.41 -6.84 -11.18
N TYR A 9 10.38 -6.21 -10.00
CA TYR A 9 11.61 -5.90 -9.28
C TYR A 9 11.43 -6.25 -7.81
N PRO A 10 11.79 -7.50 -7.44
CA PRO A 10 11.63 -8.00 -6.07
C PRO A 10 12.33 -7.11 -5.05
N PRO A 11 11.67 -6.82 -3.92
CA PRO A 11 12.23 -5.98 -2.85
C PRO A 11 13.47 -6.62 -2.23
N GLY A 12 14.22 -5.82 -1.49
CA GLY A 12 15.46 -6.29 -0.90
C GLY A 12 16.58 -6.36 -1.91
N THR A 13 16.50 -5.54 -2.95
CA THR A 13 17.49 -5.55 -4.00
C THR A 13 17.96 -4.14 -4.33
N GLU A 14 18.94 -4.04 -5.21
CA GLU A 14 19.40 -2.76 -5.71
C GLU A 14 18.34 -2.15 -6.63
N GLN A 15 17.57 -3.04 -7.24
CA GLN A 15 16.48 -2.65 -8.12
C GLN A 15 15.34 -2.07 -7.30
N ASN A 16 14.95 -2.80 -6.28
CA ASN A 16 13.90 -2.35 -5.37
C ASN A 16 14.43 -2.30 -3.95
N PRO A 17 14.81 -1.10 -3.47
CA PRO A 17 15.47 -0.91 -2.18
C PRO A 17 14.56 -1.11 -0.97
N ALA A 18 13.28 -1.17 -1.23
CA ALA A 18 12.31 -1.39 -0.17
C ALA A 18 12.50 -2.77 0.45
N ASN A 19 12.36 -2.83 1.77
CA ASN A 19 12.50 -4.08 2.52
C ASN A 19 11.56 -5.15 1.99
N PRO A 20 12.08 -6.38 1.79
CA PRO A 20 11.30 -7.49 1.24
C PRO A 20 10.43 -8.16 2.28
N ASN A 21 10.60 -7.78 3.53
CA ASN A 21 9.78 -8.30 4.62
C ASN A 21 8.48 -7.51 4.69
N PRO A 22 7.34 -8.21 4.73
CA PRO A 22 6.03 -7.57 4.88
C PRO A 22 5.86 -6.96 6.27
N SER A 23 4.98 -6.00 6.38
CA SER A 23 4.75 -5.35 7.65
C SER A 23 3.39 -5.76 8.21
N LEU A 24 3.32 -5.86 9.53
CA LEU A 24 2.07 -6.22 10.19
C LEU A 24 1.66 -5.16 11.19
N GLU A 25 0.45 -4.66 11.01
CA GLU A 25 -0.13 -3.71 11.95
C GLU A 25 -1.50 -4.20 12.38
N GLU A 26 -1.64 -4.42 13.69
CA GLU A 26 -2.86 -4.99 14.25
C GLU A 26 -4.05 -4.06 14.05
N SER A 27 -3.77 -2.79 13.85
CA SER A 27 -4.80 -1.81 13.60
C SER A 27 -4.32 -0.83 12.54
N HIS A 28 -5.24 -0.41 11.69
CA HIS A 28 -4.91 0.47 10.58
C HIS A 28 -4.67 1.90 11.08
N PRO A 29 -3.45 2.39 10.92
CA PRO A 29 -3.05 3.74 11.33
C PRO A 29 -3.82 4.83 10.61
N LEU A 30 -4.02 5.94 11.31
CA LEU A 30 -4.70 7.10 10.76
C LEU A 30 -3.94 7.72 9.59
N ASN A 31 -2.69 7.29 9.40
CA ASN A 31 -1.87 7.79 8.30
C ASN A 31 -1.87 6.82 7.12
N THR A 32 -2.82 5.90 7.13
CA THR A 32 -2.99 4.94 6.04
C THR A 32 -4.11 5.44 5.12
N PHE A 33 -4.00 5.16 3.82
CA PHE A 33 -4.99 5.66 2.88
C PHE A 33 -5.53 4.54 1.99
N MET A 34 -6.75 4.73 1.51
CA MET A 34 -7.36 3.76 0.60
C MET A 34 -7.15 4.19 -0.85
N PHE A 35 -6.82 3.22 -1.70
CA PHE A 35 -6.59 3.45 -3.11
C PHE A 35 -7.22 2.30 -3.89
N GLN A 36 -8.14 2.63 -4.79
CA GLN A 36 -8.76 1.64 -5.67
C GLN A 36 -9.56 0.60 -4.87
N ASN A 37 -10.17 1.05 -3.79
CA ASN A 37 -10.97 0.19 -2.92
C ASN A 37 -10.11 -0.83 -2.18
N ASN A 38 -8.83 -0.52 -2.07
CA ASN A 38 -7.90 -1.33 -1.29
C ASN A 38 -7.17 -0.41 -0.32
N ARG A 39 -6.69 -0.96 0.78
CA ARG A 39 -5.92 -0.15 1.71
C ARG A 39 -4.46 -0.15 1.30
N PHE A 40 -3.83 1.01 1.37
CA PHE A 40 -2.50 1.21 0.81
C PHE A 40 -1.62 1.91 1.84
N ARG A 41 -0.35 1.61 1.83
CA ARG A 41 0.60 2.26 2.70
C ARG A 41 1.57 3.11 1.91
N ASN A 42 1.75 4.33 2.35
CA ASN A 42 2.89 5.12 1.92
C ASN A 42 3.87 5.25 3.06
N ARG A 43 5.10 4.85 2.82
CA ARG A 43 6.14 5.01 3.82
C ARG A 43 7.35 5.66 3.19
N GLN A 44 7.45 6.97 3.39
CA GLN A 44 8.57 7.77 2.87
C GLN A 44 8.75 7.56 1.38
N GLY A 45 7.63 7.37 0.68
CA GLY A 45 7.65 7.27 -0.76
C GLY A 45 7.62 5.84 -1.23
N ALA A 46 7.40 4.92 -0.31
CA ALA A 46 7.33 3.50 -0.63
C ALA A 46 5.91 2.99 -0.46
N LEU A 47 5.31 2.50 -1.53
CA LEU A 47 3.93 2.03 -1.48
C LEU A 47 3.86 0.56 -1.10
N THR A 48 3.05 0.29 -0.10
CA THR A 48 2.83 -1.05 0.38
C THR A 48 1.35 -1.42 0.21
N VAL A 49 1.07 -2.64 -0.22
CA VAL A 49 -0.31 -3.06 -0.45
C VAL A 49 -0.71 -4.16 0.52
N TYR A 50 -1.89 -4.05 1.10
CA TYR A 50 -2.35 -5.06 2.03
C TYR A 50 -2.79 -6.30 1.28
N THR A 51 -2.27 -7.44 1.66
CA THR A 51 -2.67 -8.70 1.06
C THR A 51 -3.87 -9.25 1.81
N GLY A 52 -4.08 -8.71 3.00
CA GLY A 52 -5.20 -9.09 3.81
C GLY A 52 -4.83 -9.10 5.28
N THR A 53 -5.68 -9.70 6.09
CA THR A 53 -5.41 -9.87 7.49
C THR A 53 -4.66 -11.19 7.72
N VAL A 54 -3.99 -11.31 8.85
CA VAL A 54 -3.23 -12.50 9.17
C VAL A 54 -3.51 -12.94 10.58
N THR A 55 -3.55 -14.24 10.81
CA THR A 55 -3.79 -14.74 12.14
C THR A 55 -2.54 -15.43 12.68
N GLN A 56 -2.30 -15.22 13.97
CA GLN A 56 -1.16 -15.81 14.66
C GLN A 56 -1.52 -16.03 16.12
N GLY A 57 -1.15 -17.17 16.65
CA GLY A 57 -1.63 -17.55 17.96
C GLY A 57 -3.03 -18.09 17.85
N THR A 58 -3.43 -18.94 18.78
CA THR A 58 -4.74 -19.57 18.68
C THR A 58 -5.53 -19.47 19.97
N ASP A 59 -6.83 -19.29 19.81
CA ASP A 59 -7.78 -19.30 20.92
C ASP A 59 -7.52 -18.18 21.93
N PRO A 60 -7.91 -16.93 21.63
CA PRO A 60 -8.29 -16.49 20.27
C PRO A 60 -7.07 -16.35 19.35
N VAL A 61 -7.31 -16.31 18.04
CA VAL A 61 -6.25 -16.08 17.07
C VAL A 61 -6.07 -14.58 16.85
N LYS A 62 -4.82 -14.13 16.79
CA LYS A 62 -4.55 -12.70 16.65
C LYS A 62 -4.49 -12.31 15.20
N THR A 63 -5.31 -11.36 14.83
CA THR A 63 -5.40 -10.93 13.45
C THR A 63 -4.78 -9.55 13.24
N TYR A 64 -3.81 -9.50 12.36
CA TYR A 64 -3.11 -8.27 12.03
C TYR A 64 -3.34 -7.94 10.57
N TYR A 65 -3.28 -6.68 10.21
CA TYR A 65 -3.36 -6.30 8.81
C TYR A 65 -1.97 -6.41 8.19
N GLN A 66 -1.86 -7.22 7.16
CA GLN A 66 -0.58 -7.51 6.55
C GLN A 66 -0.39 -6.69 5.28
N TYR A 67 0.69 -5.94 5.26
CA TYR A 67 1.04 -5.14 4.10
C TYR A 67 2.33 -5.64 3.46
N THR A 68 2.27 -5.89 2.17
CA THR A 68 3.43 -6.35 1.42
C THR A 68 3.91 -5.25 0.48
N PRO A 69 5.20 -4.89 0.56
CA PRO A 69 5.80 -3.85 -0.30
C PRO A 69 5.74 -4.24 -1.77
N VAL A 70 5.23 -3.34 -2.60
CA VAL A 70 5.08 -3.62 -4.02
C VAL A 70 6.43 -3.75 -4.70
N SER A 71 6.55 -4.75 -5.54
CA SER A 71 7.74 -4.97 -6.32
C SER A 71 7.51 -4.53 -7.77
N SER A 72 6.37 -3.91 -8.01
CA SER A 72 6.01 -3.43 -9.33
C SER A 72 6.47 -2.01 -9.52
N LYS A 73 7.48 -1.83 -10.35
CA LYS A 73 7.97 -0.50 -10.69
C LYS A 73 6.87 0.42 -11.20
N ALA A 74 5.83 -0.13 -11.82
CA ALA A 74 4.73 0.69 -12.32
C ALA A 74 3.96 1.33 -11.16
N MET A 75 3.89 0.64 -10.03
CA MET A 75 3.22 1.17 -8.85
C MET A 75 3.99 2.39 -8.33
N TYR A 76 5.31 2.28 -8.36
CA TYR A 76 6.18 3.40 -7.99
C TYR A 76 6.07 4.51 -9.01
N ASP A 77 6.12 4.13 -10.28
CA ASP A 77 5.96 5.08 -11.40
C ASP A 77 4.68 5.88 -11.26
N ALA A 78 3.60 5.20 -10.89
CA ALA A 78 2.31 5.86 -10.69
C ALA A 78 2.42 6.92 -9.60
N TYR A 79 3.19 6.59 -8.58
CA TYR A 79 3.47 7.52 -7.49
C TYR A 79 4.32 8.69 -7.98
N TRP A 80 5.40 8.38 -8.71
CA TRP A 80 6.31 9.40 -9.24
C TRP A 80 5.62 10.38 -10.18
N ASN A 81 4.42 10.05 -10.64
CA ASN A 81 3.65 10.99 -11.46
C ASN A 81 3.01 12.05 -10.57
N GLY A 82 3.21 11.91 -9.26
CA GLY A 82 2.71 12.88 -8.31
C GLY A 82 1.21 12.82 -8.14
N LYS A 83 0.62 11.67 -8.44
CA LYS A 83 -0.81 11.48 -8.31
C LYS A 83 -1.17 11.01 -6.90
N PHE A 84 -0.14 10.75 -6.10
CA PHE A 84 -0.32 10.40 -4.69
C PHE A 84 0.07 11.56 -3.79
N ARG A 85 0.55 12.64 -4.39
CA ARG A 85 1.11 13.76 -3.64
C ARG A 85 0.07 14.49 -2.81
N ASP A 86 -1.20 14.35 -3.18
CA ASP A 86 -2.26 15.07 -2.49
C ASP A 86 -2.85 14.25 -1.34
N CYS A 87 -2.55 12.97 -1.26
CA CYS A 87 -3.22 12.11 -0.28
C CYS A 87 -2.25 11.27 0.55
N ALA A 88 -1.10 10.92 -0.01
CA ALA A 88 -0.22 9.94 0.62
C ALA A 88 0.66 10.56 1.71
N PHE A 89 0.68 11.88 1.80
CA PHE A 89 1.58 12.55 2.71
C PHE A 89 0.82 13.30 3.81
N HIS A 90 -0.35 12.82 4.15
CA HIS A 90 -1.12 13.42 5.24
C HIS A 90 -1.17 12.46 6.42
N SER A 91 -0.85 12.98 7.60
CA SER A 91 -1.03 12.23 8.83
C SER A 91 -2.52 12.03 9.08
N GLY A 92 -3.28 13.10 8.83
CA GLY A 92 -4.71 13.08 9.04
C GLY A 92 -5.07 13.08 10.50
N PHE A 93 -4.81 11.95 11.14
CA PHE A 93 -5.01 11.76 12.57
C PHE A 93 -6.47 11.94 12.95
N ASN A 94 -7.34 11.26 12.22
CA ASN A 94 -8.74 11.15 12.58
C ASN A 94 -9.11 9.68 12.69
N GLU A 95 -10.22 9.37 13.36
CA GLU A 95 -10.48 8.02 13.86
C GLU A 95 -10.84 7.00 12.78
N ASP A 96 -9.92 6.81 11.85
CA ASP A 96 -10.00 5.82 10.78
C ASP A 96 -8.85 6.08 9.83
N LEU A 97 -8.87 5.49 8.65
CA LEU A 97 -7.85 5.77 7.66
C LEU A 97 -8.44 6.64 6.55
N PHE A 98 -7.64 7.53 6.02
CA PHE A 98 -8.11 8.51 5.06
C PHE A 98 -8.18 7.96 3.64
N VAL A 99 -9.21 8.37 2.91
CA VAL A 99 -9.41 7.93 1.54
C VAL A 99 -8.72 8.87 0.55
N CYS A 100 -7.87 8.29 -0.29
CA CYS A 100 -7.16 9.06 -1.30
C CYS A 100 -8.09 9.31 -2.49
N GLU A 101 -7.90 10.45 -3.14
CA GLU A 101 -8.70 10.80 -4.31
C GLU A 101 -8.36 9.89 -5.48
N TYR A 102 -7.09 9.56 -5.65
CA TYR A 102 -6.70 8.69 -6.75
C TYR A 102 -7.20 7.27 -6.49
N GLN A 103 -7.98 6.75 -7.43
CA GLN A 103 -8.56 5.42 -7.31
C GLN A 103 -8.78 4.78 -8.67
N GLY A 104 -8.25 5.41 -9.73
CA GLY A 104 -8.59 4.99 -11.08
C GLY A 104 -9.94 5.53 -11.51
N HIS A 105 -9.97 6.18 -12.67
CA HIS A 105 -11.20 6.76 -13.23
C HIS A 105 -11.68 7.99 -12.43
N HIS A 106 -11.06 8.23 -11.28
CA HIS A 106 -11.49 9.31 -10.40
C HIS A 106 -10.92 10.65 -10.90
N HIS A 107 -11.41 11.09 -12.04
CA HIS A 107 -11.07 12.40 -12.57
C HIS A 107 -12.35 13.19 -12.84
N HIS A 108 -13.36 12.94 -12.01
CA HIS A 108 -14.66 13.58 -12.19
C HIS A 108 -14.81 14.75 -11.24
N HIS A 109 -14.79 15.95 -11.79
CA HIS A 109 -15.10 17.16 -11.03
C HIS A 109 -16.07 18.02 -11.83
N HIS A 110 -16.62 19.02 -11.18
CA HIS A 110 -17.57 19.91 -11.83
C HIS A 110 -17.29 21.35 -11.45
N TYR A 1 -5.63 -5.15 -12.00
CA TYR A 1 -4.91 -5.49 -13.24
C TYR A 1 -3.46 -5.79 -12.93
N ILE A 2 -2.75 -4.78 -12.47
CA ILE A 2 -1.36 -4.93 -12.11
C ILE A 2 -1.25 -5.52 -10.70
N ASN A 3 -0.54 -6.63 -10.60
CA ASN A 3 -0.35 -7.31 -9.34
C ASN A 3 0.97 -6.90 -8.71
N PRO A 4 0.91 -6.22 -7.57
CA PRO A 4 2.09 -5.65 -6.90
C PRO A 4 3.04 -6.73 -6.38
N LEU A 5 2.57 -7.96 -6.36
CA LEU A 5 3.36 -9.08 -5.86
C LEU A 5 4.06 -9.83 -7.00
N ASP A 6 3.99 -9.28 -8.21
CA ASP A 6 4.51 -9.97 -9.39
C ASP A 6 6.02 -10.09 -9.36
N GLY A 7 6.69 -9.21 -8.62
CA GLY A 7 8.10 -9.42 -8.35
C GLY A 7 8.99 -8.97 -9.49
N THR A 8 8.58 -7.92 -10.20
CA THR A 8 9.40 -7.41 -11.29
C THR A 8 10.54 -6.57 -10.73
N TYR A 9 10.40 -6.16 -9.48
CA TYR A 9 11.48 -5.58 -8.70
C TYR A 9 11.42 -6.12 -7.28
N PRO A 10 12.10 -7.24 -7.02
CA PRO A 10 12.09 -7.87 -5.70
C PRO A 10 12.71 -6.98 -4.63
N PRO A 11 12.02 -6.80 -3.50
CA PRO A 11 12.53 -6.03 -2.37
C PRO A 11 13.71 -6.73 -1.70
N GLY A 12 14.43 -5.99 -0.86
CA GLY A 12 15.66 -6.51 -0.28
C GLY A 12 16.82 -6.48 -1.26
N THR A 13 16.76 -5.55 -2.19
CA THR A 13 17.78 -5.44 -3.23
C THR A 13 18.29 -4.02 -3.35
N GLU A 14 19.27 -3.81 -4.22
CA GLU A 14 19.70 -2.47 -4.56
C GLU A 14 18.71 -1.84 -5.54
N GLN A 15 18.03 -2.70 -6.29
CA GLN A 15 16.97 -2.24 -7.20
C GLN A 15 15.85 -1.64 -6.39
N ASN A 16 15.43 -2.39 -5.38
CA ASN A 16 14.43 -1.92 -4.44
C ASN A 16 14.96 -2.04 -3.02
N PRO A 17 15.44 -0.91 -2.46
CA PRO A 17 16.11 -0.89 -1.15
C PRO A 17 15.18 -1.10 0.03
N ALA A 18 13.90 -1.29 -0.25
CA ALA A 18 12.95 -1.54 0.81
C ALA A 18 13.09 -2.98 1.29
N ASN A 19 13.04 -3.17 2.60
CA ASN A 19 13.17 -4.49 3.17
C ASN A 19 11.98 -5.35 2.78
N PRO A 20 12.23 -6.62 2.38
CA PRO A 20 11.21 -7.48 1.80
C PRO A 20 10.26 -8.08 2.84
N ASN A 21 10.44 -7.75 4.11
CA ASN A 21 9.53 -8.25 5.14
C ASN A 21 8.27 -7.38 5.16
N PRO A 22 7.09 -8.03 5.12
CA PRO A 22 5.80 -7.34 5.17
C PRO A 22 5.54 -6.72 6.55
N SER A 23 4.61 -5.79 6.60
CA SER A 23 4.30 -5.12 7.85
C SER A 23 2.94 -5.60 8.35
N LEU A 24 2.82 -5.70 9.66
CA LEU A 24 1.56 -6.12 10.27
C LEU A 24 0.99 -5.08 11.22
N GLU A 25 -0.32 -4.84 11.08
CA GLU A 25 -1.05 -3.97 11.97
C GLU A 25 -2.28 -4.68 12.50
N GLU A 26 -2.45 -4.71 13.81
CA GLU A 26 -3.60 -5.37 14.43
C GLU A 26 -4.85 -4.55 14.20
N SER A 27 -4.64 -3.28 13.89
CA SER A 27 -5.71 -2.36 13.60
C SER A 27 -5.21 -1.30 12.64
N HIS A 28 -6.11 -0.78 11.82
CA HIS A 28 -5.75 0.18 10.78
C HIS A 28 -5.45 1.55 11.37
N PRO A 29 -4.23 2.04 11.20
CA PRO A 29 -3.84 3.39 11.61
C PRO A 29 -4.44 4.43 10.69
N LEU A 30 -4.74 5.60 11.24
CA LEU A 30 -5.31 6.71 10.48
C LEU A 30 -4.29 7.30 9.51
N ASN A 31 -3.04 6.90 9.66
CA ASN A 31 -1.97 7.33 8.76
C ASN A 31 -1.99 6.52 7.46
N THR A 32 -2.98 5.66 7.29
CA THR A 32 -3.11 4.88 6.07
C THR A 32 -4.09 5.57 5.14
N PHE A 33 -3.97 5.33 3.83
CA PHE A 33 -4.86 5.94 2.88
C PHE A 33 -5.42 4.90 1.93
N MET A 34 -6.63 5.14 1.46
CA MET A 34 -7.30 4.21 0.58
C MET A 34 -7.09 4.57 -0.89
N PHE A 35 -6.56 3.62 -1.64
CA PHE A 35 -6.45 3.73 -3.08
C PHE A 35 -7.14 2.54 -3.73
N GLN A 36 -8.03 2.83 -4.68
CA GLN A 36 -8.78 1.79 -5.40
C GLN A 36 -9.69 1.04 -4.44
N ASN A 37 -10.13 1.74 -3.40
CA ASN A 37 -10.96 1.15 -2.34
C ASN A 37 -10.19 0.05 -1.60
N ASN A 38 -8.86 0.21 -1.59
CA ASN A 38 -7.99 -0.68 -0.83
C ASN A 38 -7.14 0.16 0.11
N ARG A 39 -6.63 -0.46 1.17
CA ARG A 39 -5.77 0.23 2.12
C ARG A 39 -4.34 0.18 1.66
N PHE A 40 -3.65 1.31 1.71
CA PHE A 40 -2.30 1.43 1.18
C PHE A 40 -1.45 2.12 2.23
N ARG A 41 -0.17 1.81 2.25
CA ARG A 41 0.71 2.43 3.22
C ARG A 41 1.82 3.17 2.49
N ASN A 42 2.03 4.41 2.89
CA ASN A 42 3.08 5.23 2.30
C ASN A 42 4.25 5.39 3.23
N ARG A 43 5.45 5.19 2.71
CA ARG A 43 6.66 5.39 3.48
C ARG A 43 7.68 6.10 2.60
N GLN A 44 7.77 7.41 2.79
CA GLN A 44 8.70 8.24 2.03
C GLN A 44 8.47 8.10 0.53
N GLY A 45 7.22 7.89 0.15
CA GLY A 45 6.88 7.78 -1.26
C GLY A 45 6.92 6.36 -1.75
N ALA A 46 6.97 5.41 -0.82
CA ALA A 46 6.99 4.00 -1.16
C ALA A 46 5.68 3.35 -0.74
N LEU A 47 5.07 2.59 -1.62
CA LEU A 47 3.74 2.05 -1.37
C LEU A 47 3.79 0.62 -0.85
N THR A 48 3.00 0.38 0.17
CA THR A 48 2.79 -0.96 0.69
C THR A 48 1.32 -1.33 0.54
N VAL A 49 1.02 -2.53 0.08
CA VAL A 49 -0.36 -2.94 -0.18
C VAL A 49 -0.77 -4.09 0.74
N TYR A 50 -1.99 -4.03 1.27
CA TYR A 50 -2.46 -5.10 2.14
C TYR A 50 -2.84 -6.32 1.31
N THR A 51 -2.29 -7.47 1.66
CA THR A 51 -2.58 -8.70 0.95
C THR A 51 -3.73 -9.43 1.65
N GLY A 52 -4.08 -8.93 2.83
CA GLY A 52 -5.16 -9.52 3.59
C GLY A 52 -4.80 -9.63 5.05
N THR A 53 -5.65 -10.29 5.81
CA THR A 53 -5.40 -10.53 7.22
C THR A 53 -4.58 -11.81 7.40
N VAL A 54 -3.85 -11.88 8.50
CA VAL A 54 -3.07 -13.06 8.83
C VAL A 54 -3.34 -13.47 10.27
N THR A 55 -3.40 -14.76 10.51
CA THR A 55 -3.59 -15.28 11.84
C THR A 55 -2.28 -15.86 12.37
N GLN A 56 -2.03 -15.63 13.65
CA GLN A 56 -0.82 -16.12 14.30
C GLN A 56 -1.08 -16.33 15.78
N GLY A 57 -0.62 -17.45 16.28
CA GLY A 57 -1.00 -17.85 17.62
C GLY A 57 -2.36 -18.51 17.60
N THR A 58 -2.66 -19.31 18.60
CA THR A 58 -3.94 -20.00 18.64
C THR A 58 -4.58 -19.91 20.01
N ASP A 59 -5.90 -19.77 20.00
CA ASP A 59 -6.71 -19.76 21.20
C ASP A 59 -6.30 -18.68 22.20
N PRO A 60 -6.69 -17.42 21.95
CA PRO A 60 -7.24 -16.98 20.66
C PRO A 60 -6.16 -16.84 19.59
N VAL A 61 -6.55 -16.91 18.33
CA VAL A 61 -5.64 -16.63 17.23
C VAL A 61 -5.60 -15.12 16.98
N LYS A 62 -4.42 -14.58 16.75
CA LYS A 62 -4.28 -13.16 16.52
C LYS A 62 -4.29 -12.87 15.04
N THR A 63 -5.20 -12.01 14.64
CA THR A 63 -5.31 -11.64 13.24
C THR A 63 -4.82 -10.22 13.03
N TYR A 64 -3.92 -10.09 12.08
CA TYR A 64 -3.31 -8.81 11.77
C TYR A 64 -3.51 -8.50 10.30
N TYR A 65 -3.49 -7.24 9.95
CA TYR A 65 -3.58 -6.84 8.56
C TYR A 65 -2.18 -6.75 7.98
N GLN A 66 -1.92 -7.54 6.94
CA GLN A 66 -0.58 -7.66 6.40
C GLN A 66 -0.40 -6.81 5.15
N TYR A 67 0.58 -5.93 5.18
CA TYR A 67 0.93 -5.12 4.03
C TYR A 67 2.27 -5.56 3.46
N THR A 68 2.27 -5.88 2.19
CA THR A 68 3.49 -6.31 1.51
C THR A 68 4.01 -5.21 0.61
N PRO A 69 5.31 -4.88 0.73
CA PRO A 69 5.95 -3.86 -0.12
C PRO A 69 5.81 -4.20 -1.60
N VAL A 70 5.28 -3.25 -2.37
CA VAL A 70 5.03 -3.47 -3.78
C VAL A 70 6.32 -3.77 -4.53
N SER A 71 6.31 -4.89 -5.23
CA SER A 71 7.44 -5.33 -6.00
C SER A 71 7.20 -5.07 -7.48
N SER A 72 6.11 -4.38 -7.77
CA SER A 72 5.72 -4.10 -9.13
C SER A 72 5.99 -2.64 -9.46
N LYS A 73 6.89 -2.41 -10.42
CA LYS A 73 7.28 -1.07 -10.85
C LYS A 73 6.08 -0.20 -11.22
N ALA A 74 5.03 -0.78 -11.77
CA ALA A 74 3.86 -0.01 -12.17
C ALA A 74 3.26 0.76 -11.00
N MET A 75 3.37 0.19 -9.80
CA MET A 75 2.88 0.86 -8.60
C MET A 75 3.72 2.11 -8.33
N TYR A 76 5.01 1.99 -8.58
CA TYR A 76 5.93 3.11 -8.44
C TYR A 76 5.71 4.12 -9.55
N ASP A 77 5.67 3.65 -10.80
CA ASP A 77 5.45 4.49 -11.95
C ASP A 77 4.18 5.31 -11.78
N ALA A 78 3.15 4.69 -11.25
CA ALA A 78 1.86 5.36 -11.04
C ALA A 78 2.01 6.47 -10.00
N TYR A 79 2.90 6.22 -9.05
CA TYR A 79 3.19 7.20 -8.01
C TYR A 79 3.94 8.38 -8.62
N TRP A 80 4.92 8.07 -9.46
CA TRP A 80 5.71 9.08 -10.17
C TRP A 80 4.87 9.98 -11.05
N ASN A 81 3.62 9.61 -11.30
CA ASN A 81 2.71 10.46 -12.08
C ASN A 81 2.31 11.67 -11.24
N GLY A 82 2.72 11.63 -9.97
CA GLY A 82 2.42 12.69 -9.04
C GLY A 82 0.96 12.67 -8.63
N LYS A 83 0.30 11.55 -8.89
CA LYS A 83 -1.10 11.38 -8.49
C LYS A 83 -1.20 10.95 -7.03
N PHE A 84 -0.17 10.24 -6.56
CA PHE A 84 -0.11 9.84 -5.16
C PHE A 84 0.59 10.90 -4.33
N ARG A 85 1.29 11.81 -5.02
CA ARG A 85 2.02 12.87 -4.34
C ARG A 85 1.04 13.88 -3.78
N ASP A 86 -0.15 13.88 -4.33
CA ASP A 86 -1.19 14.81 -3.94
C ASP A 86 -2.05 14.26 -2.80
N CYS A 87 -1.99 12.95 -2.55
CA CYS A 87 -2.94 12.36 -1.60
C CYS A 87 -2.25 11.54 -0.50
N ALA A 88 -1.10 10.97 -0.80
CA ALA A 88 -0.41 10.12 0.16
C ALA A 88 0.32 10.95 1.22
N PHE A 89 0.30 12.26 1.00
CA PHE A 89 0.98 13.21 1.87
C PHE A 89 -0.04 14.07 2.59
N HIS A 90 -1.20 13.49 2.80
CA HIS A 90 -2.27 14.13 3.54
C HIS A 90 -2.07 13.88 5.03
N SER A 91 -2.61 14.77 5.85
CA SER A 91 -2.30 14.82 7.28
C SER A 91 -2.39 13.44 7.94
N GLY A 92 -3.48 12.72 7.69
CA GLY A 92 -3.63 11.37 8.23
C GLY A 92 -3.39 11.31 9.73
N PHE A 93 -4.00 12.23 10.46
CA PHE A 93 -3.83 12.28 11.91
C PHE A 93 -5.18 12.52 12.57
N ASN A 94 -6.23 12.36 11.79
CA ASN A 94 -7.58 12.49 12.32
C ASN A 94 -8.22 11.12 12.36
N GLU A 95 -9.27 10.97 13.15
CA GLU A 95 -9.89 9.66 13.34
C GLU A 95 -10.28 9.01 12.02
N ASP A 96 -9.85 7.76 11.87
CA ASP A 96 -10.08 6.95 10.66
C ASP A 96 -9.20 7.43 9.51
N LEU A 97 -9.00 6.54 8.54
CA LEU A 97 -8.01 6.74 7.49
C LEU A 97 -8.45 7.78 6.46
N PHE A 98 -7.46 8.35 5.77
CA PHE A 98 -7.71 9.36 4.74
C PHE A 98 -7.78 8.73 3.35
N VAL A 99 -8.67 9.23 2.51
CA VAL A 99 -8.86 8.67 1.18
C VAL A 99 -8.12 9.50 0.12
N CYS A 100 -7.45 8.78 -0.79
CA CYS A 100 -6.70 9.41 -1.86
C CYS A 100 -7.64 9.97 -2.93
N GLU A 101 -7.28 11.15 -3.43
CA GLU A 101 -8.05 11.83 -4.46
C GLU A 101 -8.11 11.00 -5.74
N TYR A 102 -7.00 10.35 -6.07
CA TYR A 102 -6.97 9.48 -7.22
C TYR A 102 -7.38 8.07 -6.82
N GLN A 103 -8.23 7.46 -7.63
CA GLN A 103 -8.70 6.10 -7.41
C GLN A 103 -8.75 5.39 -8.76
N GLY A 104 -9.88 5.53 -9.43
CA GLY A 104 -10.03 5.01 -10.77
C GLY A 104 -10.98 5.87 -11.59
N HIS A 105 -12.21 5.96 -11.11
CA HIS A 105 -13.25 6.72 -11.80
C HIS A 105 -13.58 8.00 -11.05
N HIS A 106 -12.62 8.45 -10.23
CA HIS A 106 -12.78 9.65 -9.41
C HIS A 106 -13.99 9.51 -8.48
N HIS A 107 -14.62 10.63 -8.15
CA HIS A 107 -15.82 10.60 -7.34
C HIS A 107 -17.02 10.29 -8.23
N HIS A 108 -18.13 9.90 -7.63
CA HIS A 108 -19.25 9.37 -8.40
C HIS A 108 -20.59 9.85 -7.85
N HIS A 109 -21.34 10.57 -8.68
CA HIS A 109 -22.69 11.06 -8.33
C HIS A 109 -22.66 12.15 -7.27
N HIS A 110 -23.85 12.63 -6.95
CA HIS A 110 -24.02 13.68 -5.97
C HIS A 110 -25.14 13.31 -4.99
N TYR A 1 7.05 -7.98 -24.11
CA TYR A 1 6.50 -6.90 -23.29
C TYR A 1 7.10 -6.94 -21.90
N ILE A 2 7.37 -5.77 -21.36
CA ILE A 2 7.81 -5.63 -19.98
C ILE A 2 6.60 -5.32 -19.11
N ASN A 3 6.23 -6.26 -18.26
CA ASN A 3 5.02 -6.12 -17.48
C ASN A 3 5.29 -5.39 -16.17
N PRO A 4 4.84 -4.15 -16.06
CA PRO A 4 5.15 -3.27 -14.93
C PRO A 4 4.49 -3.71 -13.62
N LEU A 5 3.34 -4.34 -13.72
CA LEU A 5 2.60 -4.80 -12.55
C LEU A 5 2.90 -6.27 -12.25
N ASP A 6 3.86 -6.83 -12.97
CA ASP A 6 4.21 -8.24 -12.83
C ASP A 6 4.94 -8.54 -11.52
N GLY A 7 5.31 -7.51 -10.77
CA GLY A 7 6.17 -7.74 -9.63
C GLY A 7 7.60 -7.91 -10.06
N THR A 8 7.97 -7.16 -11.08
CA THR A 8 9.17 -7.43 -11.86
C THR A 8 10.45 -6.97 -11.14
N TYR A 9 10.31 -6.29 -10.00
CA TYR A 9 11.47 -5.96 -9.18
C TYR A 9 11.23 -6.41 -7.75
N PRO A 10 11.76 -7.58 -7.38
CA PRO A 10 11.62 -8.16 -6.03
C PRO A 10 12.26 -7.27 -4.96
N PRO A 11 11.53 -6.98 -3.88
CA PRO A 11 12.03 -6.14 -2.78
C PRO A 11 13.27 -6.70 -2.13
N GLY A 12 14.03 -5.83 -1.47
CA GLY A 12 15.29 -6.22 -0.87
C GLY A 12 16.42 -6.32 -1.86
N THR A 13 16.34 -5.51 -2.91
CA THR A 13 17.34 -5.54 -3.98
C THR A 13 17.79 -4.14 -4.38
N GLU A 14 18.74 -4.06 -5.29
CA GLU A 14 19.13 -2.79 -5.86
C GLU A 14 18.06 -2.29 -6.83
N GLN A 15 17.42 -3.24 -7.53
CA GLN A 15 16.35 -2.91 -8.45
C GLN A 15 15.11 -2.41 -7.70
N ASN A 16 14.77 -3.10 -6.62
CA ASN A 16 13.71 -2.64 -5.72
C ASN A 16 14.29 -2.37 -4.34
N PRO A 17 14.54 -1.09 -4.03
CA PRO A 17 15.24 -0.70 -2.79
C PRO A 17 14.40 -0.89 -1.54
N ALA A 18 13.10 -1.01 -1.72
CA ALA A 18 12.20 -1.25 -0.60
C ALA A 18 12.52 -2.55 0.11
N ASN A 19 12.49 -2.51 1.44
CA ASN A 19 12.78 -3.69 2.25
C ASN A 19 11.82 -4.83 1.93
N PRO A 20 12.32 -6.07 1.92
CA PRO A 20 11.53 -7.23 1.53
C PRO A 20 10.62 -7.75 2.64
N ASN A 21 10.66 -7.09 3.78
CA ASN A 21 9.85 -7.47 4.92
C ASN A 21 8.49 -6.81 4.87
N PRO A 22 7.41 -7.60 4.87
CA PRO A 22 6.05 -7.09 4.95
C PRO A 22 5.75 -6.52 6.33
N SER A 23 4.77 -5.64 6.40
CA SER A 23 4.43 -4.97 7.65
C SER A 23 3.07 -5.44 8.17
N LEU A 24 2.95 -5.51 9.49
CA LEU A 24 1.70 -5.90 10.11
C LEU A 24 1.17 -4.82 11.04
N GLU A 25 -0.12 -4.54 10.93
CA GLU A 25 -0.78 -3.58 11.79
C GLU A 25 -2.01 -4.22 12.44
N GLU A 26 -2.07 -4.13 13.75
CA GLU A 26 -3.18 -4.67 14.52
C GLU A 26 -4.48 -3.96 14.19
N SER A 27 -4.35 -2.70 13.81
CA SER A 27 -5.47 -1.88 13.41
C SER A 27 -4.97 -0.83 12.43
N HIS A 28 -5.88 -0.30 11.66
CA HIS A 28 -5.55 0.66 10.62
C HIS A 28 -5.14 2.02 11.19
N PRO A 29 -3.85 2.35 11.02
CA PRO A 29 -3.25 3.61 11.43
C PRO A 29 -3.58 4.75 10.47
N LEU A 30 -3.62 5.94 11.01
CA LEU A 30 -3.92 7.15 10.25
C LEU A 30 -2.88 7.43 9.17
N ASN A 31 -1.77 6.70 9.19
CA ASN A 31 -0.75 6.81 8.15
C ASN A 31 -0.98 5.80 7.04
N THR A 32 -2.21 5.30 6.93
CA THR A 32 -2.58 4.38 5.87
C THR A 32 -3.68 5.00 5.01
N PHE A 33 -3.69 4.71 3.72
CA PHE A 33 -4.69 5.26 2.81
C PHE A 33 -5.16 4.18 1.85
N MET A 34 -6.31 4.36 1.23
CA MET A 34 -6.82 3.35 0.30
C MET A 34 -6.89 3.88 -1.12
N PHE A 35 -6.55 3.00 -2.05
CA PHE A 35 -6.52 3.31 -3.48
C PHE A 35 -7.10 2.13 -4.26
N GLN A 36 -8.06 2.41 -5.14
CA GLN A 36 -8.76 1.38 -5.91
C GLN A 36 -9.51 0.41 -5.02
N ASN A 37 -10.05 0.92 -3.91
CA ASN A 37 -10.76 0.10 -2.92
C ASN A 37 -9.82 -0.92 -2.27
N ASN A 38 -8.53 -0.69 -2.44
CA ASN A 38 -7.50 -1.52 -1.84
C ASN A 38 -6.80 -0.71 -0.77
N ARG A 39 -6.33 -1.35 0.27
CA ARG A 39 -5.64 -0.65 1.32
C ARG A 39 -4.17 -0.50 0.95
N PHE A 40 -3.59 0.66 1.20
CA PHE A 40 -2.25 0.98 0.76
C PHE A 40 -1.49 1.56 1.93
N ARG A 41 -0.19 1.41 1.94
CA ARG A 41 0.62 2.01 2.98
C ARG A 41 1.61 2.99 2.39
N ASN A 42 1.68 4.17 2.98
CA ASN A 42 2.74 5.11 2.67
C ASN A 42 3.71 5.15 3.84
N ARG A 43 4.95 4.79 3.57
CA ARG A 43 5.99 4.85 4.57
C ARG A 43 7.13 5.65 4.04
N GLN A 44 7.23 6.90 4.52
CA GLN A 44 8.28 7.84 4.13
C GLN A 44 8.46 7.89 2.61
N GLY A 45 7.35 7.72 1.89
CA GLY A 45 7.35 7.86 0.45
C GLY A 45 7.39 6.51 -0.26
N ALA A 46 7.30 5.46 0.52
CA ALA A 46 7.34 4.10 -0.03
C ALA A 46 5.96 3.47 0.04
N LEU A 47 5.47 2.99 -1.10
CA LEU A 47 4.14 2.42 -1.17
C LEU A 47 4.15 0.92 -0.88
N THR A 48 3.30 0.53 0.05
CA THR A 48 3.08 -0.86 0.37
C THR A 48 1.63 -1.24 0.06
N VAL A 49 1.37 -2.50 -0.28
CA VAL A 49 0.01 -2.91 -0.60
C VAL A 49 -0.51 -3.93 0.40
N TYR A 50 -1.78 -3.79 0.76
CA TYR A 50 -2.42 -4.67 1.74
C TYR A 50 -2.73 -6.03 1.11
N THR A 51 -1.96 -7.04 1.52
CA THR A 51 -2.09 -8.38 0.95
C THR A 51 -3.05 -9.25 1.75
N GLY A 52 -3.63 -8.67 2.79
CA GLY A 52 -4.64 -9.37 3.54
C GLY A 52 -4.35 -9.42 5.02
N THR A 53 -5.22 -10.06 5.76
CA THR A 53 -5.05 -10.23 7.20
C THR A 53 -4.23 -11.48 7.51
N VAL A 54 -3.65 -11.53 8.70
CA VAL A 54 -2.91 -12.69 9.15
C VAL A 54 -3.36 -13.07 10.55
N THR A 55 -3.43 -14.36 10.82
CA THR A 55 -3.78 -14.81 12.15
C THR A 55 -2.54 -15.36 12.86
N GLN A 56 -2.45 -15.08 14.14
CA GLN A 56 -1.32 -15.50 14.97
C GLN A 56 -1.76 -15.60 16.41
N GLY A 57 -1.29 -16.64 17.09
CA GLY A 57 -1.79 -16.93 18.42
C GLY A 57 -3.16 -17.58 18.33
N THR A 58 -3.53 -18.38 19.32
CA THR A 58 -4.81 -19.05 19.29
C THR A 58 -5.58 -18.88 20.59
N ASP A 59 -6.89 -18.67 20.45
CA ASP A 59 -7.81 -18.56 21.57
C ASP A 59 -7.54 -17.33 22.45
N PRO A 60 -7.96 -16.13 22.01
CA PRO A 60 -8.39 -15.85 20.63
C PRO A 60 -7.21 -15.81 19.65
N VAL A 61 -7.48 -15.96 18.38
CA VAL A 61 -6.45 -15.80 17.36
C VAL A 61 -6.34 -14.32 17.00
N LYS A 62 -5.13 -13.82 16.88
CA LYS A 62 -4.92 -12.40 16.61
C LYS A 62 -4.75 -12.18 15.14
N THR A 63 -5.57 -11.32 14.61
CA THR A 63 -5.55 -11.03 13.21
C THR A 63 -4.98 -9.63 12.96
N TYR A 64 -3.95 -9.59 12.14
CA TYR A 64 -3.27 -8.34 11.81
C TYR A 64 -3.39 -8.07 10.32
N TYR A 65 -3.26 -6.83 9.94
CA TYR A 65 -3.32 -6.48 8.53
C TYR A 65 -1.90 -6.46 7.96
N GLN A 66 -1.69 -7.22 6.90
CA GLN A 66 -0.38 -7.39 6.30
C GLN A 66 -0.25 -6.56 5.04
N TYR A 67 0.79 -5.74 4.98
CA TYR A 67 1.12 -4.98 3.79
C TYR A 67 2.47 -5.44 3.25
N THR A 68 2.47 -5.87 2.00
CA THR A 68 3.68 -6.33 1.35
C THR A 68 4.19 -5.26 0.38
N PRO A 69 5.50 -4.94 0.44
CA PRO A 69 6.12 -3.93 -0.42
C PRO A 69 5.91 -4.21 -1.90
N VAL A 70 5.55 -3.18 -2.65
CA VAL A 70 5.29 -3.31 -4.07
C VAL A 70 6.53 -3.68 -4.85
N SER A 71 6.44 -4.79 -5.57
CA SER A 71 7.53 -5.25 -6.42
C SER A 71 7.28 -4.80 -7.86
N SER A 72 6.14 -4.16 -8.06
CA SER A 72 5.75 -3.70 -9.38
C SER A 72 6.10 -2.22 -9.53
N LYS A 73 7.08 -1.94 -10.37
CA LYS A 73 7.51 -0.56 -10.63
C LYS A 73 6.35 0.35 -11.02
N ALA A 74 5.31 -0.20 -11.63
CA ALA A 74 4.12 0.58 -11.99
C ALA A 74 3.53 1.27 -10.77
N MET A 75 3.62 0.61 -9.60
CA MET A 75 3.13 1.19 -8.36
C MET A 75 3.94 2.42 -7.98
N TYR A 76 5.25 2.34 -8.23
CA TYR A 76 6.13 3.47 -7.99
C TYR A 76 5.86 4.57 -9.02
N ASP A 77 5.82 4.15 -10.28
CA ASP A 77 5.54 5.07 -11.38
C ASP A 77 4.27 5.86 -11.15
N ALA A 78 3.23 5.18 -10.67
CA ALA A 78 1.97 5.85 -10.36
C ALA A 78 2.19 6.94 -9.32
N TYR A 79 3.07 6.68 -8.38
CA TYR A 79 3.46 7.65 -7.36
C TYR A 79 4.27 8.78 -8.01
N TRP A 80 5.30 8.42 -8.79
CA TRP A 80 6.16 9.38 -9.45
C TRP A 80 5.43 10.33 -10.40
N ASN A 81 4.18 10.01 -10.75
CA ASN A 81 3.37 10.93 -11.56
C ASN A 81 2.82 12.05 -10.68
N GLY A 82 3.17 11.98 -9.40
CA GLY A 82 2.86 13.03 -8.46
C GLY A 82 1.38 13.09 -8.09
N LYS A 83 0.63 12.04 -8.43
CA LYS A 83 -0.77 11.97 -8.04
C LYS A 83 -0.90 11.42 -6.62
N PHE A 84 0.06 10.58 -6.24
CA PHE A 84 0.11 10.07 -4.88
C PHE A 84 0.87 11.05 -4.00
N ARG A 85 1.59 11.97 -4.64
CA ARG A 85 2.29 13.01 -3.92
C ARG A 85 1.28 14.03 -3.40
N ASP A 86 0.16 14.11 -4.08
CA ASP A 86 -0.91 15.02 -3.71
C ASP A 86 -1.86 14.38 -2.72
N CYS A 87 -1.76 13.08 -2.50
CA CYS A 87 -2.79 12.39 -1.74
C CYS A 87 -2.25 11.61 -0.55
N ALA A 88 -1.03 11.13 -0.64
CA ALA A 88 -0.48 10.28 0.41
C ALA A 88 0.10 11.11 1.54
N PHE A 89 0.11 12.42 1.33
CA PHE A 89 0.70 13.34 2.29
C PHE A 89 -0.36 14.28 2.87
N HIS A 90 -1.60 13.79 2.93
CA HIS A 90 -2.67 14.54 3.55
C HIS A 90 -2.70 14.23 5.04
N SER A 91 -3.20 15.17 5.84
CA SER A 91 -3.18 15.03 7.29
C SER A 91 -3.83 13.73 7.73
N GLY A 92 -5.12 13.56 7.40
CA GLY A 92 -5.83 12.34 7.78
C GLY A 92 -5.86 12.09 9.27
N PHE A 93 -7.00 12.35 9.90
CA PHE A 93 -7.09 12.13 11.33
C PHE A 93 -8.48 11.68 11.75
N ASN A 94 -8.97 10.64 11.08
CA ASN A 94 -10.15 9.93 11.54
C ASN A 94 -9.76 8.50 11.91
N GLU A 95 -10.39 7.94 12.94
CA GLU A 95 -9.93 6.69 13.55
C GLU A 95 -10.06 5.46 12.65
N ASP A 96 -9.20 5.42 11.64
CA ASP A 96 -9.01 4.28 10.75
C ASP A 96 -8.06 4.73 9.66
N LEU A 97 -8.16 4.17 8.48
CA LEU A 97 -7.31 4.59 7.39
C LEU A 97 -7.96 5.75 6.61
N PHE A 98 -7.14 6.53 5.91
CA PHE A 98 -7.60 7.70 5.19
C PHE A 98 -7.91 7.36 3.73
N VAL A 99 -8.96 7.95 3.18
CA VAL A 99 -9.37 7.66 1.80
C VAL A 99 -8.64 8.58 0.82
N CYS A 100 -8.11 8.01 -0.25
CA CYS A 100 -7.30 8.79 -1.17
C CYS A 100 -8.18 9.56 -2.15
N GLU A 101 -7.72 10.77 -2.48
CA GLU A 101 -8.37 11.62 -3.47
C GLU A 101 -8.28 10.97 -4.85
N TYR A 102 -7.26 10.14 -5.03
CA TYR A 102 -7.10 9.41 -6.26
C TYR A 102 -7.60 7.98 -6.07
N GLN A 103 -8.38 7.51 -7.04
CA GLN A 103 -8.97 6.19 -7.00
C GLN A 103 -9.70 5.94 -8.32
N GLY A 104 -8.94 5.74 -9.38
CA GLY A 104 -9.51 5.53 -10.69
C GLY A 104 -9.80 6.82 -11.41
N HIS A 105 -10.00 7.90 -10.65
CA HIS A 105 -10.35 9.21 -11.18
C HIS A 105 -11.64 9.11 -11.99
N HIS A 106 -12.73 8.87 -11.28
CA HIS A 106 -14.06 8.79 -11.89
C HIS A 106 -14.43 10.13 -12.52
N HIS A 107 -15.29 10.08 -13.52
CA HIS A 107 -15.78 11.29 -14.17
C HIS A 107 -16.66 12.08 -13.22
N HIS A 108 -17.21 13.19 -13.70
CA HIS A 108 -18.01 14.09 -12.86
C HIS A 108 -19.13 13.32 -12.17
N HIS A 109 -19.73 12.39 -12.89
CA HIS A 109 -20.73 11.50 -12.32
C HIS A 109 -20.62 10.14 -12.98
N HIS A 110 -21.25 9.14 -12.40
CA HIS A 110 -21.25 7.79 -12.96
C HIS A 110 -22.61 7.49 -13.58
N TYR A 1 1.66 -14.12 -18.34
CA TYR A 1 2.49 -13.13 -19.05
C TYR A 1 3.04 -12.13 -18.03
N ILE A 2 4.29 -11.73 -18.19
CA ILE A 2 4.90 -10.82 -17.24
C ILE A 2 4.63 -9.38 -17.62
N ASN A 3 3.81 -8.71 -16.84
CA ASN A 3 3.57 -7.29 -16.95
C ASN A 3 4.16 -6.59 -15.73
N PRO A 4 4.58 -5.33 -15.86
CA PRO A 4 5.27 -4.56 -14.79
C PRO A 4 4.64 -4.65 -13.38
N LEU A 5 3.41 -5.16 -13.27
CA LEU A 5 2.76 -5.35 -11.96
C LEU A 5 2.92 -6.78 -11.46
N ASP A 6 3.67 -7.57 -12.22
CA ASP A 6 4.00 -8.95 -11.87
C ASP A 6 4.99 -9.06 -10.69
N GLY A 7 5.37 -7.92 -10.10
CA GLY A 7 6.38 -7.99 -9.06
C GLY A 7 7.78 -8.07 -9.63
N THR A 8 8.00 -7.37 -10.73
CA THR A 8 9.14 -7.59 -11.59
C THR A 8 10.44 -7.00 -11.01
N TYR A 9 10.37 -6.36 -9.85
CA TYR A 9 11.57 -5.97 -9.12
C TYR A 9 11.42 -6.33 -7.65
N PRO A 10 11.91 -7.51 -7.25
CA PRO A 10 11.81 -8.00 -5.87
C PRO A 10 12.50 -7.06 -4.87
N PRO A 11 11.85 -6.78 -3.74
CA PRO A 11 12.38 -5.90 -2.70
C PRO A 11 13.63 -6.45 -2.04
N GLY A 12 14.33 -5.60 -1.30
CA GLY A 12 15.60 -5.99 -0.72
C GLY A 12 16.73 -5.98 -1.72
N THR A 13 16.53 -5.22 -2.80
CA THR A 13 17.52 -5.14 -3.85
C THR A 13 17.89 -3.69 -4.10
N GLU A 14 18.85 -3.48 -5.00
CA GLU A 14 19.23 -2.14 -5.40
C GLU A 14 18.22 -1.61 -6.41
N GLN A 15 17.66 -2.52 -7.21
CA GLN A 15 16.60 -2.18 -8.15
C GLN A 15 15.33 -1.78 -7.41
N ASN A 16 14.92 -2.60 -6.46
CA ASN A 16 13.82 -2.24 -5.56
C ASN A 16 14.35 -2.09 -4.14
N PRO A 17 14.65 -0.85 -3.72
CA PRO A 17 15.30 -0.56 -2.44
C PRO A 17 14.41 -0.77 -1.23
N ALA A 18 13.13 -0.97 -1.49
CA ALA A 18 12.16 -1.16 -0.43
C ALA A 18 12.45 -2.42 0.38
N ASN A 19 12.31 -2.29 1.70
CA ASN A 19 12.47 -3.41 2.61
C ASN A 19 11.44 -4.50 2.32
N PRO A 20 11.91 -5.72 2.03
CA PRO A 20 11.03 -6.83 1.66
C PRO A 20 10.26 -7.44 2.83
N ASN A 21 10.50 -6.93 4.03
CA ASN A 21 9.80 -7.40 5.19
C ASN A 21 8.46 -6.69 5.32
N PRO A 22 7.36 -7.44 5.33
CA PRO A 22 6.01 -6.87 5.41
C PRO A 22 5.75 -6.20 6.75
N SER A 23 4.74 -5.34 6.78
CA SER A 23 4.39 -4.67 8.02
C SER A 23 2.99 -5.10 8.45
N LEU A 24 2.77 -5.20 9.74
CA LEU A 24 1.48 -5.60 10.26
C LEU A 24 0.88 -4.54 11.17
N GLU A 25 -0.41 -4.31 11.01
CA GLU A 25 -1.15 -3.41 11.88
C GLU A 25 -2.35 -4.13 12.47
N GLU A 26 -2.45 -4.14 13.79
CA GLU A 26 -3.58 -4.76 14.46
C GLU A 26 -4.85 -3.96 14.20
N SER A 27 -4.66 -2.67 13.92
CA SER A 27 -5.76 -1.79 13.61
C SER A 27 -5.30 -0.68 12.69
N HIS A 28 -6.25 -0.12 11.96
CA HIS A 28 -5.99 0.90 10.95
C HIS A 28 -5.47 2.22 11.57
N PRO A 29 -4.21 2.55 11.28
CA PRO A 29 -3.56 3.79 11.72
C PRO A 29 -4.10 5.01 11.00
N LEU A 30 -4.08 6.14 11.69
CA LEU A 30 -4.54 7.42 11.17
C LEU A 30 -3.63 7.91 10.04
N ASN A 31 -2.48 7.26 9.89
CA ASN A 31 -1.49 7.65 8.89
C ASN A 31 -1.44 6.66 7.74
N THR A 32 -2.51 5.90 7.56
CA THR A 32 -2.59 4.96 6.46
C THR A 32 -3.64 5.42 5.45
N PHE A 33 -3.43 5.13 4.17
CA PHE A 33 -4.33 5.63 3.14
C PHE A 33 -4.76 4.53 2.17
N MET A 34 -6.00 4.57 1.74
CA MET A 34 -6.54 3.58 0.81
C MET A 34 -6.96 4.19 -0.53
N PHE A 35 -6.57 3.54 -1.62
CA PHE A 35 -7.05 3.86 -2.96
C PHE A 35 -7.29 2.61 -3.79
N GLN A 36 -8.40 2.61 -4.55
CA GLN A 36 -8.83 1.46 -5.35
C GLN A 36 -9.34 0.33 -4.44
N ASN A 37 -9.85 0.71 -3.28
CA ASN A 37 -10.34 -0.23 -2.27
C ASN A 37 -9.20 -1.03 -1.64
N ASN A 38 -7.97 -0.58 -1.89
CA ASN A 38 -6.80 -1.21 -1.27
C ASN A 38 -6.14 -0.21 -0.36
N ARG A 39 -5.72 -0.65 0.82
CA ARG A 39 -5.04 0.21 1.75
C ARG A 39 -3.53 0.11 1.55
N PHE A 40 -2.85 1.23 1.65
CA PHE A 40 -1.45 1.33 1.32
C PHE A 40 -0.69 1.98 2.46
N ARG A 41 0.61 1.79 2.46
CA ARG A 41 1.47 2.48 3.39
C ARG A 41 2.62 3.13 2.62
N ASN A 42 2.83 4.39 2.89
CA ASN A 42 3.94 5.13 2.29
C ASN A 42 5.04 5.36 3.29
N ARG A 43 6.27 5.10 2.86
CA ARG A 43 7.43 5.31 3.69
C ARG A 43 8.56 5.86 2.84
N GLN A 44 8.82 7.15 2.95
CA GLN A 44 9.94 7.76 2.27
C GLN A 44 9.82 7.59 0.76
N GLY A 45 8.58 7.62 0.28
CA GLY A 45 8.33 7.53 -1.15
C GLY A 45 8.24 6.09 -1.62
N ALA A 46 8.08 5.19 -0.66
CA ALA A 46 7.96 3.78 -0.96
C ALA A 46 6.56 3.30 -0.65
N LEU A 47 5.94 2.58 -1.58
CA LEU A 47 4.57 2.17 -1.41
C LEU A 47 4.47 0.71 -1.01
N THR A 48 3.65 0.46 -0.01
CA THR A 48 3.39 -0.87 0.47
C THR A 48 1.90 -1.15 0.35
N VAL A 49 1.55 -2.34 -0.12
CA VAL A 49 0.16 -2.68 -0.39
C VAL A 49 -0.28 -3.80 0.53
N TYR A 50 -1.45 -3.70 1.12
CA TYR A 50 -1.89 -4.71 2.04
C TYR A 50 -2.37 -5.94 1.25
N THR A 51 -1.84 -7.09 1.58
CA THR A 51 -2.17 -8.31 0.89
C THR A 51 -3.41 -8.95 1.49
N GLY A 52 -3.81 -8.43 2.63
CA GLY A 52 -4.97 -8.93 3.31
C GLY A 52 -4.75 -8.99 4.80
N THR A 53 -5.64 -9.65 5.51
CA THR A 53 -5.48 -9.87 6.92
C THR A 53 -4.67 -11.14 7.17
N VAL A 54 -3.94 -11.17 8.27
CA VAL A 54 -3.09 -12.30 8.60
C VAL A 54 -3.47 -12.85 9.97
N THR A 55 -3.42 -14.15 10.11
CA THR A 55 -3.69 -14.77 11.40
C THR A 55 -2.41 -15.33 11.99
N GLN A 56 -2.27 -15.18 13.29
CA GLN A 56 -1.12 -15.71 14.02
C GLN A 56 -1.53 -16.06 15.44
N GLY A 57 -1.08 -17.21 15.90
CA GLY A 57 -1.56 -17.73 17.17
C GLY A 57 -2.93 -18.33 17.00
N THR A 58 -3.28 -19.29 17.83
CA THR A 58 -4.55 -19.96 17.71
C THR A 58 -5.29 -20.02 19.05
N ASP A 59 -6.56 -19.60 19.01
CA ASP A 59 -7.43 -19.65 20.17
C ASP A 59 -6.88 -18.87 21.36
N PRO A 60 -7.02 -17.53 21.35
CA PRO A 60 -7.56 -16.79 20.22
C PRO A 60 -6.56 -16.67 19.07
N VAL A 61 -7.05 -16.58 17.84
CA VAL A 61 -6.19 -16.30 16.72
C VAL A 61 -6.09 -14.80 16.51
N LYS A 62 -4.88 -14.31 16.28
CA LYS A 62 -4.69 -12.88 16.10
C LYS A 62 -4.71 -12.54 14.61
N THR A 63 -5.60 -11.64 14.23
CA THR A 63 -5.65 -11.21 12.86
C THR A 63 -5.18 -9.76 12.75
N TYR A 64 -4.22 -9.57 11.87
CA TYR A 64 -3.62 -8.26 11.64
C TYR A 64 -3.82 -7.88 10.19
N TYR A 65 -3.72 -6.61 9.88
CA TYR A 65 -3.73 -6.18 8.49
C TYR A 65 -2.31 -6.20 7.97
N GLN A 66 -2.06 -7.04 6.98
CA GLN A 66 -0.72 -7.30 6.49
C GLN A 66 -0.42 -6.50 5.23
N TYR A 67 0.64 -5.70 5.29
CA TYR A 67 1.10 -4.93 4.13
C TYR A 67 2.38 -5.53 3.57
N THR A 68 2.30 -6.04 2.36
CA THR A 68 3.46 -6.57 1.68
C THR A 68 3.94 -5.57 0.62
N PRO A 69 5.23 -5.20 0.66
CA PRO A 69 5.80 -4.26 -0.30
C PRO A 69 5.70 -4.78 -1.73
N VAL A 70 5.00 -4.03 -2.58
CA VAL A 70 4.80 -4.45 -3.95
C VAL A 70 6.09 -4.31 -4.75
N SER A 71 6.43 -5.38 -5.43
CA SER A 71 7.67 -5.45 -6.19
C SER A 71 7.47 -4.90 -7.60
N SER A 72 6.29 -4.34 -7.84
CA SER A 72 5.90 -3.92 -9.16
C SER A 72 6.20 -2.45 -9.38
N LYS A 73 7.17 -2.18 -10.25
CA LYS A 73 7.52 -0.81 -10.61
C LYS A 73 6.31 -0.02 -11.09
N ALA A 74 5.32 -0.69 -11.67
CA ALA A 74 4.12 0.00 -12.16
C ALA A 74 3.35 0.66 -11.03
N MET A 75 3.37 0.06 -9.84
CA MET A 75 2.69 0.65 -8.68
C MET A 75 3.39 1.93 -8.28
N TYR A 76 4.71 1.92 -8.35
CA TYR A 76 5.50 3.10 -8.06
C TYR A 76 5.35 4.13 -9.17
N ASP A 77 5.33 3.64 -10.40
CA ASP A 77 5.08 4.47 -11.58
C ASP A 77 3.78 5.26 -11.42
N ALA A 78 2.76 4.60 -10.88
CA ALA A 78 1.47 5.25 -10.67
C ALA A 78 1.62 6.40 -9.69
N TYR A 79 2.53 6.22 -8.74
CA TYR A 79 2.86 7.25 -7.78
C TYR A 79 3.64 8.38 -8.45
N TRP A 80 4.71 8.03 -9.17
CA TRP A 80 5.56 9.02 -9.86
C TRP A 80 4.80 9.91 -10.84
N ASN A 81 3.57 9.55 -11.19
CA ASN A 81 2.74 10.42 -12.03
C ASN A 81 2.18 11.58 -11.19
N GLY A 82 2.55 11.59 -9.92
CA GLY A 82 2.17 12.67 -9.02
C GLY A 82 0.71 12.65 -8.66
N LYS A 83 0.11 11.48 -8.72
CA LYS A 83 -1.29 11.31 -8.37
C LYS A 83 -1.45 11.06 -6.87
N PHE A 84 -0.44 10.44 -6.27
CA PHE A 84 -0.50 10.10 -4.85
C PHE A 84 0.31 11.09 -4.03
N ARG A 85 1.09 11.93 -4.71
CA ARG A 85 1.95 12.89 -4.03
C ARG A 85 1.13 13.90 -3.25
N ASP A 86 -0.08 14.13 -3.70
CA ASP A 86 -0.95 15.11 -3.05
C ASP A 86 -1.81 14.46 -1.96
N CYS A 87 -1.98 13.15 -2.00
CA CYS A 87 -2.98 12.51 -1.14
C CYS A 87 -2.35 11.62 -0.08
N ALA A 88 -1.20 11.04 -0.39
CA ALA A 88 -0.59 10.05 0.48
C ALA A 88 0.23 10.69 1.60
N PHE A 89 0.47 11.99 1.48
CA PHE A 89 1.34 12.68 2.42
C PHE A 89 0.56 13.57 3.38
N HIS A 90 -0.75 13.57 3.23
CA HIS A 90 -1.59 14.28 4.18
C HIS A 90 -1.99 13.33 5.29
N SER A 91 -1.79 13.76 6.52
CA SER A 91 -2.10 12.95 7.69
C SER A 91 -3.59 12.76 7.85
N GLY A 92 -4.31 13.88 7.83
CA GLY A 92 -5.72 13.86 8.14
C GLY A 92 -5.95 13.74 9.62
N PHE A 93 -5.38 12.66 10.18
CA PHE A 93 -5.34 12.42 11.61
C PHE A 93 -6.71 12.51 12.25
N ASN A 94 -7.65 11.75 11.68
CA ASN A 94 -8.98 11.63 12.23
C ASN A 94 -9.32 10.16 12.35
N GLU A 95 -10.20 9.83 13.30
CA GLU A 95 -10.46 8.46 13.72
C GLU A 95 -10.99 7.55 12.62
N ASP A 96 -10.08 7.17 11.72
CA ASP A 96 -10.31 6.23 10.63
C ASP A 96 -9.04 6.23 9.79
N LEU A 97 -9.06 5.61 8.62
CA LEU A 97 -7.89 5.67 7.76
C LEU A 97 -8.16 6.60 6.57
N PHE A 98 -7.11 7.27 6.11
CA PHE A 98 -7.24 8.31 5.10
C PHE A 98 -7.53 7.74 3.70
N VAL A 99 -8.47 8.34 3.00
CA VAL A 99 -8.80 7.93 1.63
C VAL A 99 -8.15 8.87 0.61
N CYS A 100 -7.53 8.30 -0.41
CA CYS A 100 -6.84 9.11 -1.43
C CYS A 100 -7.81 9.56 -2.52
N GLU A 101 -7.49 10.68 -3.16
CA GLU A 101 -8.34 11.27 -4.19
C GLU A 101 -8.68 10.26 -5.29
N TYR A 102 -7.64 9.66 -5.86
CA TYR A 102 -7.82 8.70 -6.93
C TYR A 102 -8.20 7.33 -6.38
N GLN A 103 -9.44 6.95 -6.60
CA GLN A 103 -9.90 5.61 -6.22
C GLN A 103 -10.69 5.01 -7.37
N GLY A 104 -11.79 5.67 -7.70
CA GLY A 104 -12.63 5.24 -8.80
C GLY A 104 -13.71 6.26 -9.06
N HIS A 105 -13.54 7.06 -10.11
CA HIS A 105 -14.48 8.13 -10.41
C HIS A 105 -15.22 7.82 -11.70
N HIS A 106 -15.93 6.69 -11.71
CA HIS A 106 -16.69 6.24 -12.87
C HIS A 106 -15.77 5.92 -14.05
N HIS A 107 -16.36 5.48 -15.15
CA HIS A 107 -15.57 5.11 -16.33
C HIS A 107 -16.42 5.17 -17.60
N HIS A 108 -16.04 6.07 -18.49
CA HIS A 108 -16.68 6.19 -19.80
C HIS A 108 -15.77 6.92 -20.78
N HIS A 109 -15.67 6.38 -21.98
CA HIS A 109 -14.86 7.00 -23.03
C HIS A 109 -15.52 6.81 -24.39
N HIS A 110 -15.35 7.79 -25.26
CA HIS A 110 -15.89 7.72 -26.62
C HIS A 110 -15.29 6.54 -27.37
N TYR A 1 4.30 -10.28 -23.40
CA TYR A 1 3.83 -8.91 -23.13
C TYR A 1 4.25 -8.49 -21.73
N ILE A 2 4.18 -7.20 -21.46
CA ILE A 2 4.64 -6.66 -20.19
C ILE A 2 3.47 -6.32 -19.28
N ASN A 3 3.35 -7.06 -18.19
CA ASN A 3 2.39 -6.74 -17.14
C ASN A 3 3.17 -6.26 -15.91
N PRO A 4 3.11 -4.95 -15.63
CA PRO A 4 3.92 -4.32 -14.59
C PRO A 4 3.59 -4.82 -13.19
N LEU A 5 2.40 -5.38 -13.05
CA LEU A 5 1.93 -5.88 -11.75
C LEU A 5 2.45 -7.29 -11.48
N ASP A 6 3.36 -7.77 -12.33
CA ASP A 6 3.87 -9.14 -12.27
C ASP A 6 4.79 -9.39 -11.07
N GLY A 7 5.11 -8.34 -10.32
CA GLY A 7 6.07 -8.51 -9.24
C GLY A 7 7.49 -8.43 -9.78
N THR A 8 7.66 -7.57 -10.77
CA THR A 8 8.86 -7.53 -11.59
C THR A 8 10.03 -6.85 -10.88
N TYR A 9 9.78 -6.19 -9.76
CA TYR A 9 10.85 -5.55 -9.01
C TYR A 9 10.78 -5.91 -7.52
N PRO A 10 11.52 -6.94 -7.10
CA PRO A 10 11.63 -7.32 -5.70
C PRO A 10 12.37 -6.27 -4.88
N PRO A 11 11.74 -5.76 -3.82
CA PRO A 11 12.35 -4.77 -2.92
C PRO A 11 13.57 -5.33 -2.19
N GLY A 12 14.34 -4.44 -1.57
CA GLY A 12 15.56 -4.87 -0.90
C GLY A 12 16.69 -5.09 -1.87
N THR A 13 16.60 -4.44 -3.02
CA THR A 13 17.58 -4.61 -4.07
C THR A 13 18.14 -3.26 -4.50
N GLU A 14 19.12 -3.27 -5.39
CA GLU A 14 19.65 -2.05 -5.96
C GLU A 14 18.60 -1.34 -6.81
N GLN A 15 17.74 -2.14 -7.44
CA GLN A 15 16.65 -1.61 -8.23
C GLN A 15 15.70 -0.83 -7.33
N ASN A 16 15.34 -1.46 -6.23
CA ASN A 16 14.45 -0.84 -5.26
C ASN A 16 14.98 -1.03 -3.85
N PRO A 17 15.62 0.01 -3.29
CA PRO A 17 16.26 -0.06 -1.98
C PRO A 17 15.28 -0.09 -0.82
N ALA A 18 14.00 -0.01 -1.14
CA ALA A 18 12.95 -0.07 -0.14
C ALA A 18 12.95 -1.43 0.55
N ASN A 19 12.79 -1.40 1.87
CA ASN A 19 12.81 -2.61 2.68
C ASN A 19 11.74 -3.61 2.23
N PRO A 20 12.16 -4.84 1.91
CA PRO A 20 11.27 -5.89 1.39
C PRO A 20 10.49 -6.60 2.50
N ASN A 21 10.77 -6.26 3.74
CA ASN A 21 10.12 -6.91 4.87
C ASN A 21 8.69 -6.44 5.02
N PRO A 22 7.73 -7.37 4.95
CA PRO A 22 6.31 -7.05 5.17
C PRO A 22 6.03 -6.73 6.63
N SER A 23 4.98 -5.97 6.86
CA SER A 23 4.66 -5.54 8.21
C SER A 23 3.19 -5.76 8.52
N LEU A 24 2.91 -6.00 9.78
CA LEU A 24 1.54 -6.24 10.24
C LEU A 24 1.08 -5.11 11.15
N GLU A 25 -0.16 -4.69 10.96
CA GLU A 25 -0.78 -3.69 11.81
C GLU A 25 -2.03 -4.28 12.44
N GLU A 26 -2.11 -4.18 13.76
CA GLU A 26 -3.23 -4.76 14.51
C GLU A 26 -4.51 -3.99 14.25
N SER A 27 -4.36 -2.74 13.85
CA SER A 27 -5.48 -1.88 13.52
C SER A 27 -5.07 -0.86 12.46
N HIS A 28 -6.03 -0.42 11.68
CA HIS A 28 -5.76 0.52 10.59
C HIS A 28 -5.40 1.90 11.13
N PRO A 29 -4.15 2.34 10.91
CA PRO A 29 -3.69 3.66 11.34
C PRO A 29 -4.19 4.75 10.38
N LEU A 30 -4.59 5.87 10.94
CA LEU A 30 -5.15 6.98 10.18
C LEU A 30 -4.11 7.63 9.26
N ASN A 31 -2.84 7.29 9.47
CA ASN A 31 -1.77 7.80 8.62
C ASN A 31 -1.58 6.89 7.40
N THR A 32 -2.51 5.98 7.23
CA THR A 32 -2.53 5.07 6.10
C THR A 32 -3.55 5.55 5.07
N PHE A 33 -3.29 5.33 3.78
CA PHE A 33 -4.22 5.78 2.76
C PHE A 33 -4.80 4.61 1.99
N MET A 34 -6.07 4.70 1.69
CA MET A 34 -6.75 3.70 0.89
C MET A 34 -6.85 4.13 -0.58
N PHE A 35 -6.47 3.22 -1.47
CA PHE A 35 -6.52 3.45 -2.91
C PHE A 35 -7.15 2.24 -3.61
N GLN A 36 -8.09 2.51 -4.51
CA GLN A 36 -8.72 1.48 -5.35
C GLN A 36 -9.48 0.47 -4.50
N ASN A 37 -10.03 0.94 -3.38
CA ASN A 37 -10.75 0.08 -2.44
C ASN A 37 -9.79 -0.87 -1.74
N ASN A 38 -8.51 -0.57 -1.82
CA ASN A 38 -7.47 -1.36 -1.18
C ASN A 38 -6.72 -0.49 -0.19
N ARG A 39 -6.15 -1.09 0.82
CA ARG A 39 -5.36 -0.35 1.80
C ARG A 39 -3.94 -0.22 1.29
N PHE A 40 -3.34 0.96 1.43
CA PHE A 40 -2.04 1.23 0.86
C PHE A 40 -1.17 1.89 1.91
N ARG A 41 0.12 1.62 1.88
CA ARG A 41 1.02 2.17 2.87
C ARG A 41 2.07 3.04 2.24
N ASN A 42 2.27 4.20 2.81
CA ASN A 42 3.41 5.04 2.49
C ASN A 42 4.39 5.00 3.62
N ARG A 43 5.58 4.47 3.36
CA ARG A 43 6.61 4.41 4.35
C ARG A 43 7.89 4.99 3.78
N GLN A 44 8.17 6.23 4.14
CA GLN A 44 9.38 6.93 3.69
C GLN A 44 9.40 7.03 2.17
N GLY A 45 8.22 7.16 1.58
CA GLY A 45 8.12 7.32 0.13
C GLY A 45 8.04 5.99 -0.58
N ALA A 46 7.94 4.92 0.21
CA ALA A 46 7.88 3.58 -0.35
C ALA A 46 6.48 3.04 -0.21
N LEU A 47 5.90 2.58 -1.31
CA LEU A 47 4.51 2.14 -1.29
C LEU A 47 4.39 0.66 -0.96
N THR A 48 3.53 0.40 -0.02
CA THR A 48 3.22 -0.95 0.41
C THR A 48 1.75 -1.26 0.14
N VAL A 49 1.43 -2.52 -0.15
CA VAL A 49 0.03 -2.90 -0.39
C VAL A 49 -0.43 -3.87 0.68
N TYR A 50 -1.68 -3.71 1.12
CA TYR A 50 -2.27 -4.62 2.08
C TYR A 50 -2.67 -5.91 1.37
N THR A 51 -1.96 -6.99 1.66
CA THR A 51 -2.22 -8.27 1.03
C THR A 51 -3.47 -8.91 1.62
N GLY A 52 -3.80 -8.48 2.83
CA GLY A 52 -4.96 -9.00 3.50
C GLY A 52 -4.74 -9.12 4.99
N THR A 53 -5.69 -9.72 5.69
CA THR A 53 -5.53 -9.98 7.10
C THR A 53 -4.83 -11.31 7.31
N VAL A 54 -4.11 -11.44 8.41
CA VAL A 54 -3.35 -12.65 8.69
C VAL A 54 -3.64 -13.11 10.10
N THR A 55 -3.70 -14.41 10.28
CA THR A 55 -3.92 -14.96 11.59
C THR A 55 -2.66 -15.65 12.11
N GLN A 56 -2.39 -15.49 13.40
CA GLN A 56 -1.20 -16.06 14.02
C GLN A 56 -1.46 -16.34 15.48
N GLY A 57 -1.07 -17.52 15.92
CA GLY A 57 -1.45 -17.99 17.24
C GLY A 57 -2.92 -18.30 17.26
N THR A 58 -3.29 -19.48 17.70
CA THR A 58 -4.66 -19.90 17.55
C THR A 58 -5.32 -20.17 18.90
N ASP A 59 -6.61 -19.86 18.94
CA ASP A 59 -7.44 -20.08 20.13
C ASP A 59 -6.97 -19.25 21.34
N PRO A 60 -7.26 -17.94 21.37
CA PRO A 60 -7.81 -17.18 20.24
C PRO A 60 -6.76 -16.93 19.15
N VAL A 61 -7.22 -16.83 17.91
CA VAL A 61 -6.34 -16.53 16.81
C VAL A 61 -6.18 -15.04 16.64
N LYS A 62 -4.95 -14.57 16.42
CA LYS A 62 -4.70 -13.14 16.30
C LYS A 62 -4.67 -12.74 14.84
N THR A 63 -5.51 -11.80 14.49
CA THR A 63 -5.58 -11.32 13.12
C THR A 63 -4.99 -9.92 13.00
N TYR A 64 -4.07 -9.78 12.08
CA TYR A 64 -3.42 -8.50 11.80
C TYR A 64 -3.61 -8.14 10.34
N TYR A 65 -3.43 -6.88 10.02
CA TYR A 65 -3.43 -6.45 8.64
C TYR A 65 -2.03 -6.52 8.08
N GLN A 66 -1.87 -7.27 7.03
CA GLN A 66 -0.56 -7.47 6.42
C GLN A 66 -0.39 -6.58 5.21
N TYR A 67 0.68 -5.81 5.22
CA TYR A 67 1.05 -5.04 4.05
C TYR A 67 2.47 -5.39 3.62
N THR A 68 2.62 -5.71 2.34
CA THR A 68 3.89 -6.10 1.77
C THR A 68 4.31 -5.11 0.69
N PRO A 69 5.57 -4.65 0.71
CA PRO A 69 6.10 -3.69 -0.27
C PRO A 69 5.82 -4.13 -1.70
N VAL A 70 5.22 -3.25 -2.48
CA VAL A 70 4.76 -3.61 -3.81
C VAL A 70 5.94 -3.90 -4.73
N SER A 71 5.94 -5.09 -5.30
CA SER A 71 6.98 -5.50 -6.22
C SER A 71 6.64 -5.06 -7.65
N SER A 72 5.59 -4.27 -7.78
CA SER A 72 5.14 -3.78 -9.06
C SER A 72 5.57 -2.35 -9.23
N LYS A 73 6.55 -2.13 -10.10
CA LYS A 73 7.03 -0.80 -10.41
C LYS A 73 5.90 0.14 -10.83
N ALA A 74 4.83 -0.39 -11.41
CA ALA A 74 3.71 0.43 -11.84
C ALA A 74 3.07 1.18 -10.69
N MET A 75 3.09 0.61 -9.49
CA MET A 75 2.51 1.29 -8.34
C MET A 75 3.41 2.44 -7.91
N TYR A 76 4.71 2.24 -8.09
CA TYR A 76 5.66 3.31 -7.85
C TYR A 76 5.54 4.36 -8.95
N ASP A 77 5.39 3.90 -10.18
CA ASP A 77 5.11 4.77 -11.33
C ASP A 77 3.86 5.60 -11.08
N ALA A 78 2.85 4.97 -10.49
CA ALA A 78 1.61 5.65 -10.10
C ALA A 78 1.90 6.72 -9.05
N TYR A 79 2.89 6.45 -8.22
CA TYR A 79 3.37 7.42 -7.26
C TYR A 79 4.15 8.55 -7.95
N TRP A 80 5.15 8.18 -8.74
CA TRP A 80 6.04 9.14 -9.41
C TRP A 80 5.31 10.10 -10.35
N ASN A 81 4.12 9.73 -10.81
CA ASN A 81 3.38 10.61 -11.72
C ASN A 81 2.61 11.65 -10.93
N GLY A 82 2.84 11.66 -9.62
CA GLY A 82 2.34 12.73 -8.76
C GLY A 82 0.85 12.66 -8.52
N LYS A 83 0.26 11.47 -8.63
CA LYS A 83 -1.14 11.29 -8.25
C LYS A 83 -1.26 10.96 -6.76
N PHE A 84 -0.23 10.34 -6.20
CA PHE A 84 -0.18 10.07 -4.77
C PHE A 84 0.67 11.13 -4.08
N ARG A 85 1.29 12.00 -4.87
CA ARG A 85 2.27 12.94 -4.37
C ARG A 85 1.63 13.98 -3.45
N ASP A 86 0.34 14.22 -3.64
CA ASP A 86 -0.37 15.20 -2.81
C ASP A 86 -1.00 14.56 -1.57
N CYS A 87 -1.28 13.27 -1.61
CA CYS A 87 -2.15 12.67 -0.60
C CYS A 87 -1.42 11.68 0.31
N ALA A 88 -0.39 11.04 -0.21
CA ALA A 88 0.26 9.95 0.51
C ALA A 88 1.16 10.44 1.63
N PHE A 89 1.35 11.75 1.70
CA PHE A 89 2.28 12.33 2.65
C PHE A 89 1.56 13.03 3.80
N HIS A 90 0.29 12.72 3.98
CA HIS A 90 -0.45 13.32 5.07
C HIS A 90 -0.65 12.30 6.19
N SER A 91 -0.31 12.71 7.40
CA SER A 91 -0.66 11.95 8.59
C SER A 91 -2.17 12.00 8.78
N GLY A 92 -2.72 13.18 8.51
CA GLY A 92 -4.15 13.38 8.60
C GLY A 92 -4.61 13.54 10.04
N PHE A 93 -4.51 12.45 10.78
CA PHE A 93 -4.83 12.43 12.20
C PHE A 93 -6.29 12.80 12.44
N ASN A 94 -7.15 12.16 11.69
CA ASN A 94 -8.58 12.20 11.94
C ASN A 94 -9.02 10.80 12.26
N GLU A 95 -10.19 10.64 12.88
CA GLU A 95 -10.57 9.37 13.47
C GLU A 95 -11.02 8.33 12.45
N ASP A 96 -10.12 8.06 11.50
CA ASP A 96 -10.24 6.97 10.52
C ASP A 96 -9.16 7.17 9.46
N LEU A 97 -8.97 6.22 8.56
CA LEU A 97 -7.88 6.28 7.61
C LEU A 97 -8.29 7.09 6.36
N PHE A 98 -7.32 7.71 5.72
CA PHE A 98 -7.60 8.64 4.64
C PHE A 98 -7.57 8.00 3.26
N VAL A 99 -8.50 8.44 2.41
CA VAL A 99 -8.56 7.98 1.03
C VAL A 99 -7.92 9.00 0.10
N CYS A 100 -7.12 8.52 -0.85
CA CYS A 100 -6.50 9.39 -1.83
C CYS A 100 -7.49 9.77 -2.92
N GLU A 101 -7.29 10.96 -3.50
CA GLU A 101 -8.14 11.44 -4.59
C GLU A 101 -8.06 10.51 -5.79
N TYR A 102 -6.92 9.86 -5.95
CA TYR A 102 -6.78 8.81 -6.94
C TYR A 102 -7.42 7.55 -6.40
N GLN A 103 -8.55 7.17 -6.98
CA GLN A 103 -9.31 6.04 -6.49
C GLN A 103 -9.93 5.24 -7.64
N GLY A 104 -9.54 5.60 -8.87
CA GLY A 104 -10.20 5.05 -10.04
C GLY A 104 -11.46 5.82 -10.35
N HIS A 105 -11.31 6.98 -11.00
CA HIS A 105 -12.41 7.90 -11.17
C HIS A 105 -13.47 7.38 -12.13
N HIS A 106 -13.06 7.00 -13.34
CA HIS A 106 -14.02 6.54 -14.34
C HIS A 106 -14.59 5.19 -13.94
N HIS A 107 -13.70 4.22 -13.72
CA HIS A 107 -14.11 2.90 -13.23
C HIS A 107 -12.87 2.06 -12.95
N HIS A 108 -12.14 1.72 -14.02
CA HIS A 108 -10.92 0.92 -13.91
C HIS A 108 -11.25 -0.49 -13.39
N HIS A 109 -11.46 -1.42 -14.31
CA HIS A 109 -11.81 -2.78 -13.93
C HIS A 109 -10.65 -3.73 -14.16
N HIS A 110 -10.81 -4.96 -13.70
CA HIS A 110 -9.81 -5.98 -13.87
C HIS A 110 -10.43 -7.23 -14.50
N TYR A 1 3.26 -13.17 -21.12
CA TYR A 1 3.73 -11.77 -20.98
C TYR A 1 3.76 -11.38 -19.51
N ILE A 2 4.75 -10.57 -19.16
CA ILE A 2 4.88 -10.06 -17.81
C ILE A 2 4.79 -8.54 -17.85
N ASN A 3 3.78 -7.97 -17.21
CA ASN A 3 3.60 -6.52 -17.20
C ASN A 3 4.20 -5.94 -15.93
N PRO A 4 4.69 -4.69 -15.99
CA PRO A 4 5.44 -4.03 -14.90
C PRO A 4 4.78 -4.09 -13.50
N LEU A 5 3.49 -4.42 -13.44
CA LEU A 5 2.80 -4.54 -12.15
C LEU A 5 2.77 -5.99 -11.66
N ASP A 6 3.41 -6.86 -12.41
CA ASP A 6 3.53 -8.28 -12.08
C ASP A 6 4.46 -8.55 -10.88
N GLY A 7 4.97 -7.52 -10.23
CA GLY A 7 5.94 -7.78 -9.19
C GLY A 7 7.33 -8.00 -9.77
N THR A 8 7.64 -7.24 -10.80
CA THR A 8 8.77 -7.54 -11.68
C THR A 8 10.12 -7.17 -11.04
N TYR A 9 10.11 -6.59 -9.85
CA TYR A 9 11.35 -6.38 -9.10
C TYR A 9 11.15 -6.69 -7.63
N PRO A 10 11.62 -7.86 -7.19
CA PRO A 10 11.50 -8.31 -5.79
C PRO A 10 12.21 -7.37 -4.83
N PRO A 11 11.53 -7.00 -3.73
CA PRO A 11 12.10 -6.15 -2.68
C PRO A 11 13.37 -6.75 -2.06
N GLY A 12 14.14 -5.92 -1.39
CA GLY A 12 15.41 -6.34 -0.85
C GLY A 12 16.50 -6.39 -1.90
N THR A 13 16.36 -5.56 -2.93
CA THR A 13 17.32 -5.52 -4.00
C THR A 13 17.73 -4.08 -4.32
N GLU A 14 18.67 -3.93 -5.24
CA GLU A 14 19.06 -2.62 -5.73
C GLU A 14 17.98 -2.10 -6.67
N GLN A 15 17.26 -3.03 -7.27
CA GLN A 15 16.17 -2.72 -8.18
C GLN A 15 14.99 -2.18 -7.38
N ASN A 16 14.61 -2.95 -6.36
CA ASN A 16 13.56 -2.53 -5.43
C ASN A 16 14.17 -2.36 -4.04
N PRO A 17 14.44 -1.11 -3.64
CA PRO A 17 15.16 -0.82 -2.39
C PRO A 17 14.37 -1.11 -1.13
N ALA A 18 13.07 -1.22 -1.28
CA ALA A 18 12.20 -1.52 -0.16
C ALA A 18 12.53 -2.88 0.45
N ASN A 19 12.50 -2.93 1.78
CA ASN A 19 12.74 -4.17 2.52
C ASN A 19 11.78 -5.28 2.07
N PRO A 20 12.29 -6.51 1.90
CA PRO A 20 11.49 -7.61 1.37
C PRO A 20 10.58 -8.27 2.40
N ASN A 21 10.73 -7.88 3.65
CA ASN A 21 9.89 -8.45 4.71
C ASN A 21 8.52 -7.77 4.72
N PRO A 22 7.45 -8.57 4.70
CA PRO A 22 6.09 -8.06 4.82
C PRO A 22 5.87 -7.44 6.19
N SER A 23 5.08 -6.38 6.23
CA SER A 23 4.85 -5.69 7.48
C SER A 23 3.44 -5.96 8.00
N LEU A 24 3.31 -6.02 9.30
CA LEU A 24 2.03 -6.29 9.93
C LEU A 24 1.60 -5.16 10.85
N GLU A 25 0.35 -4.76 10.73
CA GLU A 25 -0.24 -3.78 11.61
C GLU A 25 -1.48 -4.36 12.24
N GLU A 26 -1.51 -4.42 13.56
CA GLU A 26 -2.64 -5.00 14.26
C GLU A 26 -3.87 -4.11 14.13
N SER A 27 -3.61 -2.84 13.88
CA SER A 27 -4.66 -1.88 13.60
C SER A 27 -4.17 -0.84 12.62
N HIS A 28 -5.06 -0.43 11.73
CA HIS A 28 -4.70 0.47 10.64
C HIS A 28 -4.42 1.87 11.16
N PRO A 29 -3.23 2.41 10.87
CA PRO A 29 -2.85 3.76 11.27
C PRO A 29 -3.61 4.83 10.49
N LEU A 30 -3.86 5.93 11.17
CA LEU A 30 -4.60 7.07 10.62
C LEU A 30 -3.84 7.74 9.47
N ASN A 31 -2.58 7.37 9.27
CA ASN A 31 -1.80 7.89 8.15
C ASN A 31 -1.93 6.98 6.92
N THR A 32 -2.81 6.00 7.00
CA THR A 32 -3.01 5.06 5.92
C THR A 32 -4.21 5.47 5.08
N PHE A 33 -4.17 5.19 3.80
CA PHE A 33 -5.23 5.60 2.90
C PHE A 33 -5.71 4.46 2.03
N MET A 34 -6.95 4.57 1.56
CA MET A 34 -7.52 3.59 0.65
C MET A 34 -7.37 4.07 -0.80
N PHE A 35 -6.51 3.39 -1.54
CA PHE A 35 -6.22 3.72 -2.93
C PHE A 35 -6.63 2.56 -3.84
N GLN A 36 -7.42 2.86 -4.86
CA GLN A 36 -7.91 1.84 -5.82
C GLN A 36 -8.83 0.85 -5.13
N ASN A 37 -9.52 1.30 -4.09
CA ASN A 37 -10.40 0.44 -3.28
C ASN A 37 -9.58 -0.60 -2.51
N ASN A 38 -8.29 -0.34 -2.39
CA ASN A 38 -7.39 -1.18 -1.62
C ASN A 38 -6.79 -0.31 -0.53
N ARG A 39 -6.40 -0.90 0.57
CA ARG A 39 -5.73 -0.13 1.60
C ARG A 39 -4.24 -0.08 1.30
N PHE A 40 -3.66 1.10 1.39
CA PHE A 40 -2.31 1.34 0.92
C PHE A 40 -1.58 2.09 2.01
N ARG A 41 -0.29 1.87 2.16
CA ARG A 41 0.44 2.63 3.16
C ARG A 41 1.73 3.18 2.58
N ASN A 42 1.95 4.46 2.82
CA ASN A 42 3.19 5.11 2.40
C ASN A 42 4.08 5.38 3.59
N ARG A 43 5.29 4.87 3.49
CA ARG A 43 6.26 4.99 4.56
C ARG A 43 7.50 5.67 4.03
N GLN A 44 7.59 6.97 4.31
CA GLN A 44 8.69 7.80 3.86
C GLN A 44 8.84 7.73 2.34
N GLY A 45 7.70 7.60 1.67
CA GLY A 45 7.67 7.61 0.22
C GLY A 45 7.66 6.22 -0.38
N ALA A 46 7.56 5.21 0.47
CA ALA A 46 7.55 3.82 0.02
C ALA A 46 6.16 3.24 0.16
N LEU A 47 5.61 2.73 -0.94
CA LEU A 47 4.26 2.20 -0.91
C LEU A 47 4.22 0.71 -0.57
N THR A 48 3.37 0.39 0.37
CA THR A 48 3.08 -0.99 0.72
C THR A 48 1.61 -1.28 0.45
N VAL A 49 1.33 -2.48 -0.04
CA VAL A 49 -0.03 -2.87 -0.38
C VAL A 49 -0.50 -4.00 0.51
N TYR A 50 -1.73 -3.94 0.99
CA TYR A 50 -2.23 -4.99 1.86
C TYR A 50 -2.57 -6.22 1.03
N THR A 51 -2.08 -7.36 1.45
CA THR A 51 -2.38 -8.61 0.77
C THR A 51 -3.55 -9.29 1.48
N GLY A 52 -3.90 -8.73 2.65
CA GLY A 52 -5.02 -9.25 3.42
C GLY A 52 -4.73 -9.20 4.90
N THR A 53 -5.64 -9.75 5.69
CA THR A 53 -5.44 -9.88 7.12
C THR A 53 -4.72 -11.19 7.41
N VAL A 54 -4.11 -11.29 8.58
CA VAL A 54 -3.37 -12.48 8.93
C VAL A 54 -3.68 -12.90 10.36
N THR A 55 -3.74 -14.20 10.59
CA THR A 55 -4.01 -14.71 11.93
C THR A 55 -2.78 -15.43 12.49
N GLN A 56 -2.55 -15.22 13.77
CA GLN A 56 -1.43 -15.85 14.46
C GLN A 56 -1.80 -16.07 15.91
N GLY A 57 -1.52 -17.26 16.41
CA GLY A 57 -1.97 -17.63 17.73
C GLY A 57 -3.43 -18.04 17.70
N THR A 58 -3.84 -18.88 18.64
CA THR A 58 -5.21 -19.37 18.64
C THR A 58 -5.87 -19.21 20.00
N ASP A 59 -7.07 -18.61 19.99
CA ASP A 59 -7.90 -18.48 21.19
C ASP A 59 -7.20 -17.71 22.31
N PRO A 60 -7.13 -16.37 22.24
CA PRO A 60 -7.58 -15.58 21.08
C PRO A 60 -6.63 -15.69 19.89
N VAL A 61 -7.17 -15.62 18.69
CA VAL A 61 -6.35 -15.56 17.50
C VAL A 61 -6.03 -14.10 17.18
N LYS A 62 -4.79 -13.82 16.85
CA LYS A 62 -4.40 -12.45 16.54
C LYS A 62 -4.51 -12.21 15.05
N THR A 63 -5.28 -11.22 14.67
CA THR A 63 -5.44 -10.89 13.28
C THR A 63 -4.90 -9.51 12.99
N TYR A 64 -3.95 -9.46 12.08
CA TYR A 64 -3.29 -8.23 11.70
C TYR A 64 -3.59 -7.93 10.25
N TYR A 65 -3.24 -6.75 9.81
CA TYR A 65 -3.31 -6.40 8.41
C TYR A 65 -1.91 -6.51 7.82
N GLN A 66 -1.77 -7.31 6.78
CA GLN A 66 -0.45 -7.57 6.22
C GLN A 66 -0.23 -6.76 4.96
N TYR A 67 0.84 -5.97 4.97
CA TYR A 67 1.20 -5.13 3.84
C TYR A 67 2.55 -5.53 3.29
N THR A 68 2.63 -5.69 1.99
CA THR A 68 3.87 -6.03 1.32
C THR A 68 4.31 -4.85 0.46
N PRO A 69 5.58 -4.43 0.60
CA PRO A 69 6.15 -3.37 -0.25
C PRO A 69 5.96 -3.67 -1.73
N VAL A 70 5.53 -2.68 -2.49
CA VAL A 70 5.24 -2.89 -3.90
C VAL A 70 6.46 -3.37 -4.66
N SER A 71 6.29 -4.51 -5.30
CA SER A 71 7.37 -5.16 -6.03
C SER A 71 7.28 -4.77 -7.51
N SER A 72 6.35 -3.90 -7.82
CA SER A 72 6.08 -3.51 -9.18
C SER A 72 6.51 -2.08 -9.41
N LYS A 73 7.61 -1.89 -10.14
CA LYS A 73 8.13 -0.56 -10.44
C LYS A 73 7.09 0.37 -11.06
N ALA A 74 6.11 -0.18 -11.79
CA ALA A 74 5.06 0.65 -12.37
C ALA A 74 4.23 1.33 -11.30
N MET A 75 4.13 0.69 -10.13
CA MET A 75 3.39 1.27 -9.01
C MET A 75 4.12 2.49 -8.48
N TYR A 76 5.44 2.46 -8.54
CA TYR A 76 6.25 3.61 -8.20
C TYR A 76 6.02 4.72 -9.22
N ASP A 77 5.95 4.33 -10.49
CA ASP A 77 5.64 5.27 -11.57
C ASP A 77 4.30 5.95 -11.32
N ALA A 78 3.33 5.19 -10.82
CA ALA A 78 2.03 5.73 -10.44
C ALA A 78 2.18 6.77 -9.33
N TYR A 79 3.15 6.56 -8.46
CA TYR A 79 3.46 7.50 -7.40
C TYR A 79 4.12 8.75 -7.97
N TRP A 80 5.15 8.54 -8.78
CA TRP A 80 5.97 9.65 -9.32
C TRP A 80 5.18 10.55 -10.26
N ASN A 81 4.09 10.05 -10.82
CA ASN A 81 3.38 10.77 -11.86
C ASN A 81 2.40 11.78 -11.27
N GLY A 82 2.49 12.00 -9.96
CA GLY A 82 1.62 12.95 -9.31
C GLY A 82 0.19 12.46 -9.15
N LYS A 83 0.02 11.14 -9.10
CA LYS A 83 -1.26 10.57 -8.72
C LYS A 83 -1.35 10.42 -7.21
N PHE A 84 -0.19 10.23 -6.58
CA PHE A 84 -0.12 10.07 -5.12
C PHE A 84 0.31 11.37 -4.43
N ARG A 85 0.84 12.31 -5.21
CA ARG A 85 1.44 13.50 -4.65
C ARG A 85 0.38 14.40 -4.04
N ASP A 86 -0.84 14.25 -4.50
CA ASP A 86 -1.97 15.04 -4.02
C ASP A 86 -2.66 14.37 -2.84
N CYS A 87 -2.36 13.10 -2.58
CA CYS A 87 -3.20 12.32 -1.68
C CYS A 87 -2.43 11.61 -0.56
N ALA A 88 -1.17 11.27 -0.81
CA ALA A 88 -0.43 10.44 0.14
C ALA A 88 0.22 11.27 1.25
N PHE A 89 0.25 12.57 1.06
CA PHE A 89 0.98 13.46 1.97
C PHE A 89 0.02 14.19 2.89
N HIS A 90 -1.10 13.54 3.16
CA HIS A 90 -2.09 14.08 4.07
C HIS A 90 -1.75 13.66 5.49
N SER A 91 -1.75 14.60 6.42
CA SER A 91 -1.54 14.26 7.82
C SER A 91 -2.73 13.46 8.34
N GLY A 92 -3.91 14.07 8.30
CA GLY A 92 -5.11 13.45 8.82
C GLY A 92 -4.98 13.15 10.30
N PHE A 93 -4.52 11.95 10.57
CA PHE A 93 -4.26 11.47 11.92
C PHE A 93 -5.49 11.65 12.81
N ASN A 94 -6.62 11.22 12.29
CA ASN A 94 -7.85 11.15 13.07
C ASN A 94 -8.44 9.76 12.89
N GLU A 95 -9.35 9.38 13.78
CA GLU A 95 -9.92 8.02 13.81
C GLU A 95 -10.27 7.48 12.43
N ASP A 96 -9.86 6.22 12.21
CA ASP A 96 -10.09 5.50 10.95
C ASP A 96 -9.15 6.01 9.86
N LEU A 97 -9.10 5.31 8.73
CA LEU A 97 -8.14 5.65 7.69
C LEU A 97 -8.82 6.41 6.56
N PHE A 98 -8.06 7.28 5.92
CA PHE A 98 -8.61 8.17 4.90
C PHE A 98 -8.72 7.49 3.53
N VAL A 99 -9.80 7.81 2.82
CA VAL A 99 -9.98 7.33 1.46
C VAL A 99 -9.24 8.25 0.49
N CYS A 100 -8.54 7.66 -0.47
CA CYS A 100 -7.72 8.42 -1.39
C CYS A 100 -8.54 8.89 -2.59
N GLU A 101 -8.05 9.93 -3.25
CA GLU A 101 -8.77 10.60 -4.33
C GLU A 101 -8.80 9.78 -5.62
N TYR A 102 -7.85 8.85 -5.77
CA TYR A 102 -7.82 8.01 -6.95
C TYR A 102 -8.41 6.63 -6.65
N GLN A 103 -9.35 6.23 -7.49
CA GLN A 103 -10.08 4.98 -7.30
C GLN A 103 -10.26 4.31 -8.66
N GLY A 104 -10.30 2.99 -8.67
CA GLY A 104 -10.32 2.27 -9.92
C GLY A 104 -11.73 1.99 -10.39
N HIS A 105 -12.21 2.82 -11.31
CA HIS A 105 -13.47 2.54 -11.98
C HIS A 105 -13.22 1.51 -13.07
N HIS A 106 -11.94 1.39 -13.41
CA HIS A 106 -11.45 0.32 -14.26
C HIS A 106 -10.09 -0.10 -13.76
N HIS A 107 -9.87 -1.41 -13.63
CA HIS A 107 -8.62 -1.95 -13.09
C HIS A 107 -7.54 -1.96 -14.19
N HIS A 108 -7.35 -0.79 -14.82
CA HIS A 108 -6.48 -0.64 -15.98
C HIS A 108 -7.06 -1.36 -17.21
N HIS A 109 -7.24 -2.66 -17.08
CA HIS A 109 -7.86 -3.46 -18.14
C HIS A 109 -8.82 -4.46 -17.53
N HIS A 110 -9.41 -5.26 -18.39
CA HIS A 110 -10.34 -6.30 -17.96
C HIS A 110 -10.08 -7.58 -18.75
N TYR A 1 1.45 -13.92 -19.76
CA TYR A 1 2.52 -12.93 -20.01
C TYR A 1 2.81 -12.16 -18.73
N ILE A 2 3.88 -11.39 -18.73
CA ILE A 2 4.26 -10.61 -17.55
C ILE A 2 4.00 -9.14 -17.79
N ASN A 3 3.00 -8.60 -17.11
CA ASN A 3 2.66 -7.18 -17.20
C ASN A 3 3.34 -6.42 -16.07
N PRO A 4 3.68 -5.13 -16.30
CA PRO A 4 4.47 -4.30 -15.38
C PRO A 4 3.99 -4.28 -13.93
N LEU A 5 2.73 -4.67 -13.70
CA LEU A 5 2.18 -4.69 -12.34
C LEU A 5 2.26 -6.10 -11.73
N ASP A 6 2.93 -7.01 -12.43
CA ASP A 6 3.11 -8.38 -11.98
C ASP A 6 4.09 -8.51 -10.80
N GLY A 7 4.62 -7.39 -10.29
CA GLY A 7 5.62 -7.50 -9.25
C GLY A 7 7.00 -7.75 -9.82
N THR A 8 7.28 -7.11 -10.94
CA THR A 8 8.45 -7.44 -11.77
C THR A 8 9.76 -6.90 -11.19
N TYR A 9 9.69 -6.20 -10.06
CA TYR A 9 10.89 -5.79 -9.33
C TYR A 9 10.88 -6.38 -7.92
N PRO A 10 11.57 -7.52 -7.73
CA PRO A 10 11.64 -8.19 -6.43
C PRO A 10 12.33 -7.33 -5.38
N PRO A 11 11.67 -7.11 -4.24
CA PRO A 11 12.22 -6.30 -3.14
C PRO A 11 13.44 -6.95 -2.52
N GLY A 12 14.21 -6.18 -1.75
CA GLY A 12 15.45 -6.69 -1.19
C GLY A 12 16.56 -6.67 -2.20
N THR A 13 16.48 -5.76 -3.16
CA THR A 13 17.47 -5.65 -4.21
C THR A 13 17.97 -4.22 -4.34
N GLU A 14 18.95 -4.02 -5.20
CA GLU A 14 19.43 -2.68 -5.49
C GLU A 14 18.42 -1.93 -6.34
N GLN A 15 17.69 -2.69 -7.17
CA GLN A 15 16.63 -2.13 -8.00
C GLN A 15 15.39 -1.80 -7.18
N ASN A 16 15.03 -2.71 -6.27
CA ASN A 16 13.95 -2.44 -5.33
C ASN A 16 14.49 -2.45 -3.91
N PRO A 17 14.78 -1.27 -3.35
CA PRO A 17 15.47 -1.13 -2.06
C PRO A 17 14.59 -1.51 -0.89
N ALA A 18 13.30 -1.50 -1.13
CA ALA A 18 12.32 -1.82 -0.11
C ALA A 18 12.53 -3.22 0.44
N ASN A 19 12.41 -3.34 1.76
CA ASN A 19 12.53 -4.62 2.46
C ASN A 19 11.56 -5.65 1.89
N PRO A 20 12.06 -6.85 1.58
CA PRO A 20 11.25 -7.90 0.96
C PRO A 20 10.36 -8.63 1.97
N ASN A 21 10.53 -8.31 3.25
CA ASN A 21 9.71 -8.91 4.29
C ASN A 21 8.54 -7.99 4.62
N PRO A 22 7.32 -8.55 4.61
CA PRO A 22 6.11 -7.78 4.87
C PRO A 22 6.05 -7.26 6.31
N SER A 23 5.24 -6.24 6.52
CA SER A 23 5.12 -5.64 7.85
C SER A 23 3.72 -5.87 8.40
N LEU A 24 3.63 -6.00 9.72
CA LEU A 24 2.36 -6.29 10.39
C LEU A 24 2.00 -5.22 11.40
N GLU A 25 0.77 -4.73 11.31
CA GLU A 25 0.21 -3.85 12.33
C GLU A 25 -1.14 -4.38 12.76
N GLU A 26 -1.34 -4.50 14.06
CA GLU A 26 -2.57 -5.11 14.59
C GLU A 26 -3.78 -4.21 14.40
N SER A 27 -3.53 -2.93 14.20
CA SER A 27 -4.60 -1.98 13.94
C SER A 27 -4.13 -0.88 13.01
N HIS A 28 -5.00 -0.49 12.10
CA HIS A 28 -4.66 0.47 11.07
C HIS A 28 -4.67 1.90 11.63
N PRO A 29 -3.60 2.66 11.38
CA PRO A 29 -3.51 4.07 11.74
C PRO A 29 -4.28 4.94 10.75
N LEU A 30 -4.83 6.04 11.23
CA LEU A 30 -5.56 6.97 10.37
C LEU A 30 -4.66 7.63 9.34
N ASN A 31 -3.35 7.47 9.49
CA ASN A 31 -2.40 7.91 8.47
C ASN A 31 -2.23 6.83 7.38
N THR A 32 -3.29 6.07 7.17
CA THR A 32 -3.35 5.07 6.11
C THR A 32 -4.47 5.44 5.15
N PHE A 33 -4.31 5.14 3.86
CA PHE A 33 -5.28 5.58 2.87
C PHE A 33 -5.77 4.42 2.01
N MET A 34 -6.98 4.58 1.48
CA MET A 34 -7.57 3.57 0.61
C MET A 34 -7.36 3.92 -0.85
N PHE A 35 -6.76 2.99 -1.59
CA PHE A 35 -6.54 3.18 -3.01
C PHE A 35 -7.02 1.94 -3.76
N GLN A 36 -7.80 2.17 -4.82
CA GLN A 36 -8.33 1.08 -5.66
C GLN A 36 -9.31 0.19 -4.90
N ASN A 37 -9.98 0.76 -3.91
CA ASN A 37 -10.88 0.02 -3.04
C ASN A 37 -10.10 -0.99 -2.20
N ASN A 38 -8.83 -0.66 -1.95
CA ASN A 38 -7.97 -1.50 -1.10
C ASN A 38 -7.29 -0.62 -0.06
N ARG A 39 -6.69 -1.23 0.95
CA ARG A 39 -5.92 -0.49 1.93
C ARG A 39 -4.51 -0.30 1.40
N PHE A 40 -3.95 0.89 1.56
CA PHE A 40 -2.65 1.22 1.01
C PHE A 40 -1.85 1.90 2.10
N ARG A 41 -0.54 1.72 2.11
CA ARG A 41 0.25 2.29 3.17
C ARG A 41 1.48 3.00 2.60
N ASN A 42 1.69 4.22 3.03
CA ASN A 42 2.91 4.94 2.67
C ASN A 42 3.85 5.04 3.84
N ARG A 43 5.11 4.75 3.60
CA ARG A 43 6.12 4.88 4.62
C ARG A 43 7.32 5.63 4.08
N GLN A 44 7.38 6.91 4.39
CA GLN A 44 8.50 7.78 4.01
C GLN A 44 8.61 7.83 2.49
N GLY A 45 7.46 7.75 1.83
CA GLY A 45 7.39 7.85 0.39
C GLY A 45 7.43 6.51 -0.30
N ALA A 46 7.33 5.44 0.48
CA ALA A 46 7.35 4.09 -0.06
C ALA A 46 5.98 3.46 0.05
N LEU A 47 5.44 2.97 -1.06
CA LEU A 47 4.09 2.42 -1.07
C LEU A 47 4.09 0.92 -0.82
N THR A 48 3.29 0.54 0.15
CA THR A 48 3.03 -0.84 0.47
C THR A 48 1.54 -1.12 0.34
N VAL A 49 1.19 -2.34 0.00
CA VAL A 49 -0.21 -2.70 -0.20
C VAL A 49 -0.65 -3.73 0.82
N TYR A 50 -1.87 -3.58 1.33
CA TYR A 50 -2.43 -4.53 2.28
C TYR A 50 -2.69 -5.86 1.58
N THR A 51 -1.87 -6.84 1.91
CA THR A 51 -1.93 -8.14 1.27
C THR A 51 -2.99 -9.00 1.95
N GLY A 52 -3.30 -8.65 3.19
CA GLY A 52 -4.31 -9.35 3.93
C GLY A 52 -4.02 -9.37 5.41
N THR A 53 -4.91 -9.94 6.18
CA THR A 53 -4.71 -10.12 7.60
C THR A 53 -3.95 -11.41 7.87
N VAL A 54 -3.35 -11.51 9.04
CA VAL A 54 -2.64 -12.71 9.44
C VAL A 54 -3.10 -13.14 10.81
N THR A 55 -3.20 -14.43 11.03
CA THR A 55 -3.57 -14.96 12.32
C THR A 55 -2.36 -15.61 12.98
N GLN A 56 -2.24 -15.40 14.29
CA GLN A 56 -1.16 -15.97 15.06
C GLN A 56 -1.61 -16.22 16.48
N GLY A 57 -1.28 -17.40 16.98
CA GLY A 57 -1.86 -17.85 18.23
C GLY A 57 -3.29 -18.29 18.03
N THR A 58 -3.75 -19.28 18.78
CA THR A 58 -5.08 -19.79 18.60
C THR A 58 -5.91 -19.70 19.88
N ASP A 59 -7.18 -19.31 19.71
CA ASP A 59 -8.16 -19.30 20.79
C ASP A 59 -7.73 -18.41 21.98
N PRO A 60 -7.87 -17.07 21.85
CA PRO A 60 -8.24 -16.38 20.60
C PRO A 60 -7.08 -16.34 19.61
N VAL A 61 -7.40 -16.12 18.34
CA VAL A 61 -6.36 -15.95 17.34
C VAL A 61 -6.08 -14.46 17.16
N LYS A 62 -4.82 -14.10 17.07
CA LYS A 62 -4.46 -12.71 16.88
C LYS A 62 -4.32 -12.40 15.41
N THR A 63 -5.07 -11.42 14.96
CA THR A 63 -5.06 -11.05 13.56
C THR A 63 -4.40 -9.69 13.34
N TYR A 64 -3.37 -9.68 12.52
CA TYR A 64 -2.60 -8.48 12.22
C TYR A 64 -2.71 -8.16 10.74
N TYR A 65 -2.71 -6.89 10.40
CA TYR A 65 -2.78 -6.48 9.00
C TYR A 65 -1.39 -6.51 8.39
N GLN A 66 -1.30 -7.13 7.23
CA GLN A 66 -0.03 -7.25 6.52
C GLN A 66 0.00 -6.33 5.31
N TYR A 67 1.05 -5.54 5.23
CA TYR A 67 1.28 -4.70 4.07
C TYR A 67 2.65 -4.99 3.48
N THR A 68 2.68 -5.23 2.18
CA THR A 68 3.89 -5.59 1.47
C THR A 68 4.24 -4.53 0.43
N PRO A 69 5.52 -4.13 0.35
CA PRO A 69 5.99 -3.12 -0.61
C PRO A 69 5.68 -3.52 -2.06
N VAL A 70 5.20 -2.55 -2.84
CA VAL A 70 4.86 -2.81 -4.23
C VAL A 70 6.10 -3.14 -5.04
N SER A 71 6.05 -4.25 -5.74
CA SER A 71 7.16 -4.72 -6.54
C SER A 71 6.93 -4.38 -8.02
N SER A 72 5.87 -3.64 -8.28
CA SER A 72 5.50 -3.28 -9.64
C SER A 72 5.90 -1.85 -9.93
N LYS A 73 6.89 -1.69 -10.80
CA LYS A 73 7.41 -0.36 -11.17
C LYS A 73 6.33 0.63 -11.57
N ALA A 74 5.27 0.18 -12.24
CA ALA A 74 4.17 1.08 -12.62
C ALA A 74 3.51 1.71 -11.39
N MET A 75 3.51 1.00 -10.27
CA MET A 75 2.95 1.54 -9.04
C MET A 75 3.81 2.68 -8.53
N TYR A 76 5.13 2.53 -8.68
CA TYR A 76 6.05 3.59 -8.29
C TYR A 76 5.95 4.76 -9.25
N ASP A 77 5.83 4.45 -10.54
CA ASP A 77 5.56 5.47 -11.55
C ASP A 77 4.31 6.28 -11.19
N ALA A 78 3.28 5.57 -10.72
CA ALA A 78 2.04 6.21 -10.27
C ALA A 78 2.33 7.19 -9.13
N TYR A 79 3.32 6.86 -8.34
CA TYR A 79 3.78 7.74 -7.28
C TYR A 79 4.57 8.92 -7.87
N TRP A 80 5.57 8.62 -8.69
CA TRP A 80 6.46 9.64 -9.24
C TRP A 80 5.75 10.67 -10.12
N ASN A 81 4.59 10.31 -10.66
CA ASN A 81 3.88 11.22 -11.55
C ASN A 81 3.00 12.18 -10.76
N GLY A 82 3.17 12.16 -9.44
CA GLY A 82 2.54 13.14 -8.58
C GLY A 82 1.05 12.93 -8.41
N LYS A 83 0.57 11.72 -8.70
CA LYS A 83 -0.80 11.37 -8.36
C LYS A 83 -0.89 10.80 -6.95
N PHE A 84 0.20 10.18 -6.51
CA PHE A 84 0.30 9.72 -5.14
C PHE A 84 0.94 10.77 -4.26
N ARG A 85 1.57 11.75 -4.90
CA ARG A 85 2.32 12.77 -4.17
C ARG A 85 1.38 13.67 -3.38
N ASP A 86 0.23 13.93 -3.96
CA ASP A 86 -0.77 14.81 -3.34
C ASP A 86 -1.73 14.03 -2.46
N CYS A 87 -1.63 12.71 -2.45
CA CYS A 87 -2.66 11.92 -1.80
C CYS A 87 -2.10 11.03 -0.69
N ALA A 88 -0.86 10.61 -0.81
CA ALA A 88 -0.32 9.61 0.11
C ALA A 88 0.09 10.23 1.44
N PHE A 89 0.42 11.50 1.43
CA PHE A 89 1.12 12.10 2.55
C PHE A 89 0.19 12.79 3.54
N HIS A 90 -1.10 12.86 3.23
CA HIS A 90 -2.03 13.38 4.20
C HIS A 90 -2.69 12.23 4.95
N SER A 91 -2.63 12.32 6.27
CA SER A 91 -3.38 11.45 7.15
C SER A 91 -4.85 11.74 7.06
N GLY A 92 -5.15 13.03 7.11
CA GLY A 92 -6.52 13.51 7.23
C GLY A 92 -6.84 13.77 8.67
N PHE A 93 -6.25 12.92 9.52
CA PHE A 93 -6.20 13.10 10.95
C PHE A 93 -7.59 13.02 11.57
N ASN A 94 -8.47 12.32 10.89
CA ASN A 94 -9.77 11.99 11.45
C ASN A 94 -9.73 10.56 11.95
N GLU A 95 -10.74 10.15 12.70
CA GLU A 95 -10.64 8.93 13.51
C GLU A 95 -10.93 7.66 12.71
N ASP A 96 -10.20 7.50 11.61
CA ASP A 96 -10.17 6.27 10.82
C ASP A 96 -9.32 6.49 9.57
N LEU A 97 -9.27 5.52 8.66
CA LEU A 97 -8.35 5.64 7.54
C LEU A 97 -8.94 6.54 6.44
N PHE A 98 -8.07 7.20 5.71
CA PHE A 98 -8.48 8.23 4.75
C PHE A 98 -8.63 7.64 3.34
N VAL A 99 -9.63 8.12 2.60
CA VAL A 99 -9.82 7.70 1.21
C VAL A 99 -8.96 8.55 0.29
N CYS A 100 -8.27 7.89 -0.63
CA CYS A 100 -7.38 8.58 -1.55
C CYS A 100 -8.18 9.27 -2.65
N GLU A 101 -7.66 10.43 -3.09
CA GLU A 101 -8.29 11.21 -4.13
C GLU A 101 -8.10 10.55 -5.49
N TYR A 102 -7.01 9.81 -5.61
CA TYR A 102 -6.75 9.07 -6.83
C TYR A 102 -7.52 7.75 -6.80
N GLN A 103 -8.17 7.44 -7.91
CA GLN A 103 -9.06 6.28 -7.95
C GLN A 103 -8.95 5.58 -9.29
N GLY A 104 -9.60 4.42 -9.38
CA GLY A 104 -9.60 3.66 -10.60
C GLY A 104 -10.88 2.89 -10.76
N HIS A 105 -10.79 1.61 -11.11
CA HIS A 105 -11.95 0.75 -11.25
C HIS A 105 -12.82 1.25 -12.41
N HIS A 106 -12.19 2.00 -13.29
CA HIS A 106 -12.88 2.69 -14.36
C HIS A 106 -12.96 1.82 -15.62
N HIS A 107 -13.84 0.84 -15.58
CA HIS A 107 -14.03 -0.05 -16.71
C HIS A 107 -15.28 0.34 -17.51
N HIS A 108 -15.16 0.29 -18.83
CA HIS A 108 -16.29 0.59 -19.72
C HIS A 108 -15.92 0.26 -21.17
N HIS A 109 -14.63 0.38 -21.49
CA HIS A 109 -14.15 0.05 -22.83
C HIS A 109 -13.72 -1.41 -22.90
N HIS A 110 -13.42 -1.87 -24.11
CA HIS A 110 -12.98 -3.24 -24.35
C HIS A 110 -14.03 -4.25 -23.89
#